data_5XVU
#
_entry.id   5XVU
#
_cell.length_a   88.410
_cell.length_b   123.550
_cell.length_c   125.650
_cell.angle_alpha   90.00
_cell.angle_beta   90.00
_cell.angle_gamma   90.00
#
_symmetry.space_group_name_H-M   'P 21 21 21'
#
loop_
_entity.id
_entity.type
_entity.pdbx_description
1 polymer 'Casein kinase 2, alpha subunit'
2 non-polymer 'SULFATE ION'
3 non-polymer 'CHLORIDE ION'
4 non-polymer "ADENOSINE-5'-TRIPHOSPHATE"
5 non-polymer 1,2-ETHANEDIOL
6 non-polymer DI(HYDROXYETHYL)ETHER
7 water water
#
_entity_poly.entity_id   1
_entity_poly.type   'polypeptide(L)'
_entity_poly.pdbx_seq_one_letter_code
;MIPKFYADVNIHKPKEYYDYDNLELQWNKPNRYEIMKKIGRGKYSEVFNGYDTECNRPCAIKVLKPVKKKKIKREIKILQ
NLNGGPNIIKLLDIVKDPVTKTPSLIFEYINNIDFKTLYPKFTDKDIRYYIYQILKALDYCHSQGIMHRDVKPHNIMIDH
ENRQIRLISWGLAEFYHPGQEYNVRVASRYYKGPELLIDLQLYDYSLDIWSLGCMLAGMIFKKEPFFCGHDNYDQLVKIA
KVLGTEDLHAYLKKYNIKLKPHYLNILGEYERKPWSHFLTQSNIDIAKDEVIDLIDKMLIYDHAKRIAPKEAMEHPYFRE
VREESAHHHHHH
;
_entity_poly.pdbx_strand_id   A,B,C
#
# COMPACT_ATOMS: atom_id res chain seq x y z
N ILE A 2 12.69 -17.88 -18.15
CA ILE A 2 13.03 -19.19 -17.62
C ILE A 2 14.42 -19.05 -17.03
N PRO A 3 14.56 -18.94 -15.68
CA PRO A 3 15.92 -18.83 -15.10
C PRO A 3 16.75 -20.08 -15.45
N LYS A 4 18.03 -19.89 -15.92
CA LYS A 4 18.89 -21.04 -16.29
C LYS A 4 18.79 -22.10 -15.18
N PHE A 5 19.05 -21.66 -13.93
CA PHE A 5 19.02 -22.55 -12.79
C PHE A 5 17.93 -22.20 -11.82
N TYR A 6 17.57 -23.21 -11.01
CA TYR A 6 16.67 -23.19 -9.88
C TYR A 6 15.25 -22.65 -10.13
N ALA A 7 14.78 -22.68 -11.38
CA ALA A 7 13.45 -22.18 -11.74
C ALA A 7 12.33 -22.89 -10.96
N ASP A 8 12.25 -24.23 -11.09
CA ASP A 8 11.22 -25.04 -10.48
C ASP A 8 11.49 -25.53 -9.05
N VAL A 9 12.37 -24.85 -8.27
CA VAL A 9 12.69 -25.24 -6.89
C VAL A 9 11.42 -25.37 -6.01
N ASN A 10 10.63 -24.28 -5.92
CA ASN A 10 9.40 -24.21 -5.14
C ASN A 10 8.25 -25.08 -5.67
N ILE A 11 8.30 -25.45 -6.95
CA ILE A 11 7.29 -26.30 -7.57
C ILE A 11 7.34 -27.69 -6.93
N HIS A 12 8.55 -28.21 -6.68
CA HIS A 12 8.76 -29.52 -6.06
C HIS A 12 8.84 -29.47 -4.52
N LYS A 13 8.72 -28.27 -3.96
CA LYS A 13 8.75 -28.05 -2.50
C LYS A 13 7.29 -28.07 -1.96
N PRO A 14 7.04 -28.58 -0.72
CA PRO A 14 5.65 -28.59 -0.20
C PRO A 14 5.14 -27.17 0.06
N LYS A 15 3.81 -26.92 -0.07
CA LYS A 15 3.24 -25.58 0.15
C LYS A 15 3.72 -24.92 1.44
N GLU A 16 3.93 -25.69 2.51
CA GLU A 16 4.40 -25.22 3.83
C GLU A 16 5.72 -24.46 3.74
N TYR A 17 6.58 -24.81 2.76
CA TYR A 17 7.88 -24.20 2.52
C TYR A 17 7.76 -22.73 2.09
N TYR A 18 6.81 -22.42 1.17
CA TYR A 18 6.64 -21.09 0.59
C TYR A 18 5.43 -20.30 1.11
N ASP A 19 4.45 -20.96 1.70
CA ASP A 19 3.26 -20.27 2.21
C ASP A 19 3.55 -19.72 3.60
N TYR A 20 4.21 -18.53 3.63
CA TYR A 20 4.60 -17.90 4.88
C TYR A 20 3.43 -17.27 5.66
N ASP A 21 2.31 -16.98 5.01
CA ASP A 21 1.25 -16.35 5.79
C ASP A 21 0.44 -17.36 6.59
N ASN A 22 0.72 -18.65 6.39
CA ASN A 22 0.05 -19.75 7.10
C ASN A 22 1.05 -20.35 8.11
N LEU A 23 2.09 -19.58 8.45
CA LEU A 23 3.14 -19.94 9.39
C LEU A 23 2.69 -19.58 10.82
N GLU A 24 2.79 -20.57 11.73
CA GLU A 24 2.44 -20.39 13.15
C GLU A 24 3.76 -20.08 13.87
N LEU A 25 3.88 -18.83 14.38
CA LEU A 25 5.10 -18.39 15.06
C LEU A 25 5.02 -18.60 16.56
N GLN A 26 6.09 -19.20 17.13
CA GLN A 26 6.18 -19.40 18.57
C GLN A 26 7.15 -18.36 19.10
N TRP A 27 6.58 -17.28 19.67
CA TRP A 27 7.33 -16.18 20.23
C TRP A 27 7.82 -16.55 21.61
N ASN A 28 9.09 -16.29 21.89
CA ASN A 28 9.67 -16.61 23.19
C ASN A 28 9.78 -15.39 24.08
N LYS A 29 10.09 -15.61 25.37
CA LYS A 29 10.28 -14.57 26.36
C LYS A 29 11.62 -13.84 26.07
N PRO A 30 11.68 -12.49 26.13
CA PRO A 30 12.94 -11.80 25.78
C PRO A 30 13.96 -11.67 26.90
N ASN A 31 13.58 -12.11 28.10
CA ASN A 31 14.32 -12.06 29.35
C ASN A 31 15.83 -12.37 29.24
N ARG A 32 16.22 -13.50 28.58
CA ARG A 32 17.64 -13.92 28.45
C ARG A 32 18.53 -13.01 27.64
N TYR A 33 17.96 -12.12 26.80
CA TYR A 33 18.76 -11.25 25.94
C TYR A 33 18.98 -9.87 26.55
N GLU A 34 20.21 -9.63 27.02
CA GLU A 34 20.66 -8.38 27.62
C GLU A 34 20.81 -7.32 26.50
N ILE A 35 19.94 -6.28 26.48
CA ILE A 35 19.99 -5.23 25.45
C ILE A 35 21.07 -4.21 25.82
N MET A 36 21.93 -3.86 24.83
CA MET A 36 23.06 -2.93 25.00
C MET A 36 23.03 -1.78 23.93
N LYS A 37 24.19 -1.36 23.38
CA LYS A 37 24.28 -0.26 22.40
C LYS A 37 23.49 -0.51 21.12
N LYS A 38 22.77 0.54 20.62
CA LYS A 38 22.04 0.50 19.35
C LYS A 38 23.07 0.54 18.23
N ILE A 39 23.10 -0.49 17.40
CA ILE A 39 24.06 -0.64 16.33
C ILE A 39 23.48 -0.33 14.94
N GLY A 40 22.14 -0.34 14.81
CA GLY A 40 21.51 -0.09 13.53
C GLY A 40 20.14 0.54 13.61
N ARG A 41 19.75 1.19 12.51
CA ARG A 41 18.47 1.84 12.34
C ARG A 41 17.96 1.47 10.96
N GLY A 42 16.74 0.96 10.94
CA GLY A 42 16.06 0.56 9.72
C GLY A 42 14.83 1.40 9.50
N LYS A 43 14.10 1.11 8.40
CA LYS A 43 12.86 1.79 8.03
C LYS A 43 11.78 1.51 9.10
N TYR A 44 11.63 0.24 9.49
CA TYR A 44 10.65 -0.19 10.49
C TYR A 44 11.29 -1.05 11.60
N SER A 45 12.59 -0.82 11.89
CA SER A 45 13.30 -1.55 12.94
C SER A 45 14.46 -0.77 13.55
N GLU A 46 14.95 -1.26 14.69
CA GLU A 46 16.12 -0.76 15.42
C GLU A 46 16.92 -2.00 15.82
N VAL A 47 18.22 -2.03 15.48
CA VAL A 47 19.08 -3.16 15.80
C VAL A 47 20.04 -2.77 16.92
N PHE A 48 20.12 -3.61 17.96
CA PHE A 48 20.94 -3.42 19.14
C PHE A 48 21.92 -4.57 19.32
N ASN A 49 23.11 -4.25 19.87
CA ASN A 49 24.07 -5.27 20.25
C ASN A 49 23.49 -5.80 21.58
N GLY A 50 23.40 -7.13 21.69
CA GLY A 50 22.87 -7.81 22.85
C GLY A 50 23.72 -8.98 23.30
N TYR A 51 23.24 -9.73 24.30
CA TYR A 51 23.93 -10.91 24.79
C TYR A 51 22.96 -11.92 25.32
N ASP A 52 23.03 -13.16 24.78
CA ASP A 52 22.23 -14.29 25.23
C ASP A 52 22.92 -14.78 26.52
N THR A 53 22.39 -14.34 27.67
CA THR A 53 22.90 -14.64 29.01
C THR A 53 22.81 -16.13 29.36
N GLU A 54 21.95 -16.88 28.65
CA GLU A 54 21.76 -18.32 28.85
C GLU A 54 22.69 -19.18 28.02
N CYS A 55 22.97 -18.78 26.77
CA CYS A 55 23.82 -19.55 25.86
C CYS A 55 25.23 -19.01 25.69
N ASN A 56 25.65 -18.02 26.52
CA ASN A 56 26.97 -17.38 26.49
C ASN A 56 27.34 -17.02 25.05
N ARG A 57 26.53 -16.13 24.45
CA ARG A 57 26.63 -15.82 23.04
C ARG A 57 26.23 -14.38 22.72
N PRO A 58 27.03 -13.63 21.92
CA PRO A 58 26.60 -12.29 21.52
C PRO A 58 25.51 -12.39 20.47
N CYS A 59 24.67 -11.36 20.38
CA CYS A 59 23.61 -11.36 19.40
C CYS A 59 23.27 -9.93 18.95
N ALA A 60 22.51 -9.82 17.85
CA ALA A 60 22.00 -8.57 17.33
C ALA A 60 20.48 -8.66 17.46
N ILE A 61 19.89 -7.86 18.35
CA ILE A 61 18.46 -7.84 18.64
C ILE A 61 17.78 -6.80 17.73
N LYS A 62 16.95 -7.25 16.76
CA LYS A 62 16.23 -6.38 15.82
C LYS A 62 14.82 -6.17 16.28
N VAL A 63 14.55 -5.04 16.93
CA VAL A 63 13.22 -4.67 17.45
C VAL A 63 12.37 -4.17 16.27
N LEU A 64 11.10 -4.59 16.18
CA LEU A 64 10.23 -4.22 15.06
C LEU A 64 9.12 -3.17 15.34
N LYS A 65 9.07 -2.13 14.48
CA LYS A 65 8.04 -1.06 14.49
C LYS A 65 6.76 -1.67 13.89
N PRO A 66 5.52 -1.19 14.26
CA PRO A 66 4.29 -1.85 13.75
C PRO A 66 4.23 -2.06 12.24
N VAL A 67 4.49 -3.33 11.84
CA VAL A 67 4.46 -3.82 10.45
C VAL A 67 3.57 -5.07 10.41
N LYS A 68 2.78 -5.22 9.32
CA LYS A 68 1.87 -6.36 9.13
C LYS A 68 2.63 -7.68 9.31
N LYS A 69 2.01 -8.65 10.03
CA LYS A 69 2.60 -9.97 10.26
C LYS A 69 3.04 -10.64 8.94
N LYS A 70 2.36 -10.30 7.84
CA LYS A 70 2.65 -10.75 6.47
C LYS A 70 4.14 -10.56 6.15
N LYS A 71 4.70 -9.36 6.46
CA LYS A 71 6.09 -8.96 6.26
C LYS A 71 7.08 -9.69 7.20
N ILE A 72 6.69 -9.87 8.49
CA ILE A 72 7.51 -10.52 9.52
C ILE A 72 7.60 -12.00 9.23
N LYS A 73 6.42 -12.66 9.07
CA LYS A 73 6.29 -14.09 8.75
C LYS A 73 7.14 -14.49 7.53
N ARG A 74 7.20 -13.61 6.50
CA ARG A 74 7.98 -13.88 5.30
C ARG A 74 9.45 -13.90 5.66
N GLU A 75 9.94 -12.80 6.32
CA GLU A 75 11.34 -12.66 6.74
C GLU A 75 11.76 -13.83 7.61
N ILE A 76 10.91 -14.23 8.60
CA ILE A 76 11.14 -15.40 9.46
C ILE A 76 11.23 -16.67 8.61
N LYS A 77 10.20 -16.97 7.77
CA LYS A 77 10.20 -18.16 6.91
C LYS A 77 11.45 -18.27 6.05
N ILE A 78 11.84 -17.16 5.39
CA ILE A 78 13.03 -17.12 4.56
C ILE A 78 14.29 -17.41 5.39
N LEU A 79 14.47 -16.74 6.53
CA LEU A 79 15.65 -16.97 7.38
C LEU A 79 15.71 -18.41 7.88
N GLN A 80 14.54 -18.97 8.22
CA GLN A 80 14.44 -20.33 8.68
C GLN A 80 14.88 -21.27 7.54
N ASN A 81 14.29 -21.14 6.34
CA ASN A 81 14.61 -21.94 5.13
C ASN A 81 16.08 -21.85 4.69
N LEU A 82 16.77 -20.74 5.05
CA LEU A 82 18.18 -20.52 4.70
C LEU A 82 19.16 -20.81 5.85
N ASN A 83 18.68 -21.35 6.98
CA ASN A 83 19.53 -21.68 8.12
C ASN A 83 20.68 -22.59 7.69
N GLY A 84 21.90 -22.21 8.06
CA GLY A 84 23.12 -22.96 7.75
C GLY A 84 23.66 -22.76 6.35
N GLY A 85 23.10 -21.79 5.65
CA GLY A 85 23.55 -21.45 4.31
C GLY A 85 24.89 -20.77 4.41
N PRO A 86 25.79 -20.95 3.42
CA PRO A 86 27.10 -20.30 3.51
C PRO A 86 26.96 -18.80 3.53
N ASN A 87 27.49 -18.15 4.58
CA ASN A 87 27.52 -16.68 4.74
C ASN A 87 26.14 -16.00 4.79
N ILE A 88 25.13 -16.73 5.27
CA ILE A 88 23.76 -16.23 5.44
C ILE A 88 23.55 -16.08 6.94
N ILE A 89 23.15 -14.85 7.40
CA ILE A 89 22.89 -14.52 8.81
C ILE A 89 21.95 -15.56 9.45
N LYS A 90 22.34 -16.04 10.64
CA LYS A 90 21.58 -17.03 11.37
C LYS A 90 20.53 -16.33 12.27
N LEU A 91 19.27 -16.81 12.22
CA LEU A 91 18.21 -16.32 13.09
C LEU A 91 18.24 -17.27 14.29
N LEU A 92 18.58 -16.78 15.47
CA LEU A 92 18.73 -17.61 16.65
C LEU A 92 17.45 -17.78 17.41
N ASP A 93 16.62 -16.72 17.45
CA ASP A 93 15.36 -16.71 18.18
C ASP A 93 14.44 -15.60 17.69
N ILE A 94 13.16 -15.70 18.05
CA ILE A 94 12.13 -14.71 17.82
C ILE A 94 11.47 -14.48 19.18
N VAL A 95 11.48 -13.24 19.66
CA VAL A 95 10.93 -12.92 20.98
C VAL A 95 9.86 -11.87 20.89
N LYS A 96 8.94 -11.84 21.86
CA LYS A 96 7.88 -10.85 21.95
C LYS A 96 7.73 -10.43 23.42
N ASP A 97 7.74 -9.10 23.66
CA ASP A 97 7.58 -8.52 25.00
C ASP A 97 6.18 -8.85 25.50
N PRO A 98 6.04 -9.39 26.73
CA PRO A 98 4.68 -9.75 27.19
C PRO A 98 3.74 -8.55 27.35
N VAL A 99 4.26 -7.42 27.89
CA VAL A 99 3.50 -6.19 28.12
C VAL A 99 3.22 -5.44 26.80
N THR A 100 4.26 -4.86 26.18
CA THR A 100 4.12 -4.08 24.94
C THR A 100 3.69 -4.90 23.71
N LYS A 101 3.85 -6.23 23.78
CA LYS A 101 3.55 -7.17 22.68
C LYS A 101 4.39 -6.83 21.39
N THR A 102 5.60 -6.25 21.59
CA THR A 102 6.50 -5.85 20.52
C THR A 102 7.40 -7.01 20.15
N PRO A 103 7.40 -7.40 18.88
CA PRO A 103 8.28 -8.48 18.45
C PRO A 103 9.71 -8.03 18.17
N SER A 104 10.66 -8.95 18.35
CA SER A 104 12.09 -8.78 18.07
C SER A 104 12.65 -10.07 17.53
N LEU A 105 13.57 -9.91 16.59
CA LEU A 105 14.26 -11.03 15.99
C LEU A 105 15.69 -11.02 16.53
N ILE A 106 16.17 -12.18 17.01
CA ILE A 106 17.51 -12.33 17.56
C ILE A 106 18.39 -13.01 16.51
N PHE A 107 19.43 -12.32 16.06
CA PHE A 107 20.37 -12.85 15.06
C PHE A 107 21.73 -13.05 15.67
N GLU A 108 22.57 -13.90 15.04
CA GLU A 108 23.98 -14.03 15.42
C GLU A 108 24.65 -12.66 15.21
N TYR A 109 25.52 -12.24 16.13
CA TYR A 109 26.15 -10.92 16.01
C TYR A 109 27.36 -10.95 15.07
N ILE A 110 27.50 -9.96 14.17
CA ILE A 110 28.67 -9.79 13.29
C ILE A 110 29.24 -8.41 13.57
N ASN A 111 30.52 -8.35 14.03
CA ASN A 111 31.13 -7.04 14.33
C ASN A 111 31.50 -6.30 13.03
N ASN A 112 30.53 -5.57 12.47
CA ASN A 112 30.72 -4.83 11.23
C ASN A 112 31.41 -3.48 11.43
N ILE A 113 32.06 -3.00 10.36
CA ILE A 113 32.72 -1.70 10.19
C ILE A 113 32.09 -1.14 8.90
N ASP A 114 31.55 0.11 8.93
CA ASP A 114 30.92 0.77 7.77
C ASP A 114 31.79 0.58 6.53
N PHE A 115 31.18 0.09 5.42
CA PHE A 115 31.87 -0.18 4.15
C PHE A 115 32.61 1.03 3.62
N LYS A 116 32.14 2.24 3.93
CA LYS A 116 32.80 3.47 3.54
C LYS A 116 34.19 3.63 4.23
N THR A 117 34.41 2.94 5.37
CA THR A 117 35.66 2.97 6.14
C THR A 117 36.48 1.70 5.87
N LEU A 118 35.78 0.56 5.71
CA LEU A 118 36.36 -0.75 5.51
C LEU A 118 36.87 -0.99 4.11
N TYR A 119 35.99 -0.86 3.10
CA TYR A 119 36.31 -1.11 1.70
C TYR A 119 37.63 -0.44 1.23
N PRO A 120 37.95 0.82 1.58
CA PRO A 120 39.24 1.37 1.12
C PRO A 120 40.49 0.69 1.70
N LYS A 121 40.32 -0.06 2.83
CA LYS A 121 41.41 -0.79 3.50
C LYS A 121 41.63 -2.19 2.84
N PHE A 122 40.69 -2.62 1.98
CA PHE A 122 40.77 -3.90 1.26
C PHE A 122 41.86 -3.92 0.19
N THR A 123 42.44 -5.12 -0.02
CA THR A 123 43.46 -5.44 -1.02
C THR A 123 42.75 -6.15 -2.18
N ASP A 124 43.45 -6.41 -3.29
CA ASP A 124 42.88 -7.15 -4.43
C ASP A 124 42.40 -8.52 -3.93
N LYS A 125 43.23 -9.20 -3.09
CA LYS A 125 42.93 -10.50 -2.51
C LYS A 125 41.75 -10.46 -1.55
N ASP A 126 41.50 -9.32 -0.88
CA ASP A 126 40.38 -9.15 0.06
C ASP A 126 39.01 -9.09 -0.65
N ILE A 127 38.88 -8.25 -1.70
CA ILE A 127 37.67 -8.09 -2.51
C ILE A 127 37.38 -9.43 -3.18
N ARG A 128 38.46 -10.11 -3.68
CA ARG A 128 38.36 -11.41 -4.34
C ARG A 128 37.64 -12.41 -3.46
N TYR A 129 38.12 -12.57 -2.23
CA TYR A 129 37.57 -13.48 -1.23
C TYR A 129 36.14 -13.15 -0.82
N TYR A 130 35.90 -11.88 -0.44
CA TYR A 130 34.57 -11.45 0.02
C TYR A 130 33.50 -11.54 -1.06
N ILE A 131 33.83 -11.23 -2.35
CA ILE A 131 32.86 -11.33 -3.44
C ILE A 131 32.50 -12.81 -3.67
N TYR A 132 33.49 -13.70 -3.59
CA TYR A 132 33.27 -15.14 -3.71
C TYR A 132 32.24 -15.60 -2.66
N GLN A 133 32.40 -15.14 -1.41
CA GLN A 133 31.52 -15.47 -0.30
C GLN A 133 30.10 -14.99 -0.52
N ILE A 134 29.90 -13.76 -1.07
CA ILE A 134 28.55 -13.25 -1.37
C ILE A 134 27.92 -14.09 -2.49
N LEU A 135 28.73 -14.53 -3.46
CA LEU A 135 28.28 -15.40 -4.54
C LEU A 135 27.83 -16.76 -3.99
N LYS A 136 28.56 -17.33 -3.01
CA LYS A 136 28.20 -18.60 -2.36
C LYS A 136 26.84 -18.47 -1.67
N ALA A 137 26.62 -17.33 -0.93
CA ALA A 137 25.37 -17.03 -0.23
C ALA A 137 24.19 -16.97 -1.21
N LEU A 138 24.36 -16.21 -2.32
CA LEU A 138 23.39 -16.03 -3.39
C LEU A 138 23.15 -17.31 -4.15
N ASP A 139 24.17 -18.15 -4.38
CA ASP A 139 23.91 -19.42 -5.03
C ASP A 139 23.06 -20.31 -4.09
N TYR A 140 23.30 -20.26 -2.76
CA TYR A 140 22.50 -21.03 -1.79
C TYR A 140 21.02 -20.58 -1.74
N CYS A 141 20.74 -19.27 -1.57
CA CYS A 141 19.33 -18.89 -1.49
C CYS A 141 18.58 -19.12 -2.79
N HIS A 142 19.26 -18.99 -3.95
CA HIS A 142 18.63 -19.24 -5.24
C HIS A 142 18.28 -20.69 -5.35
N SER A 143 19.17 -21.60 -4.89
CA SER A 143 18.97 -23.06 -4.88
C SER A 143 17.82 -23.43 -3.97
N GLN A 144 17.50 -22.55 -3.01
CA GLN A 144 16.40 -22.72 -2.06
C GLN A 144 15.12 -21.96 -2.53
N GLY A 145 15.15 -21.52 -3.79
CA GLY A 145 14.04 -20.86 -4.46
C GLY A 145 13.70 -19.48 -3.96
N ILE A 146 14.71 -18.74 -3.45
CA ILE A 146 14.57 -17.40 -2.87
C ILE A 146 15.47 -16.37 -3.56
N MET A 147 14.91 -15.17 -3.83
CA MET A 147 15.61 -13.99 -4.33
C MET A 147 15.77 -13.09 -3.10
N HIS A 148 16.97 -12.46 -2.91
CA HIS A 148 17.25 -11.52 -1.82
C HIS A 148 16.55 -10.20 -2.08
N ARG A 149 16.58 -9.75 -3.36
CA ARG A 149 15.98 -8.53 -3.90
C ARG A 149 16.51 -7.20 -3.31
N ASP A 150 17.58 -7.21 -2.51
CA ASP A 150 18.12 -5.99 -1.93
C ASP A 150 19.62 -6.12 -1.65
N VAL A 151 20.37 -6.63 -2.63
CA VAL A 151 21.80 -6.79 -2.44
C VAL A 151 22.45 -5.41 -2.60
N LYS A 152 23.17 -4.95 -1.57
CA LYS A 152 23.88 -3.66 -1.54
C LYS A 152 24.98 -3.73 -0.48
N PRO A 153 26.03 -2.90 -0.53
CA PRO A 153 27.08 -3.01 0.50
C PRO A 153 26.58 -2.88 1.93
N HIS A 154 25.44 -2.21 2.09
CA HIS A 154 24.74 -1.93 3.35
C HIS A 154 24.14 -3.19 3.96
N ASN A 155 23.89 -4.22 3.15
CA ASN A 155 23.30 -5.47 3.59
C ASN A 155 24.31 -6.61 3.63
N ILE A 156 25.61 -6.26 3.65
CA ILE A 156 26.72 -7.20 3.76
C ILE A 156 27.53 -6.82 4.98
N MET A 157 27.51 -7.68 6.02
CA MET A 157 28.25 -7.48 7.27
C MET A 157 29.58 -8.21 7.17
N ILE A 158 30.68 -7.49 7.48
CA ILE A 158 32.03 -8.03 7.45
C ILE A 158 32.79 -7.73 8.76
N ASP A 159 33.35 -8.79 9.37
CA ASP A 159 34.24 -8.73 10.54
C ASP A 159 35.60 -9.10 9.96
N HIS A 160 36.27 -8.12 9.32
CA HIS A 160 37.54 -8.32 8.61
C HIS A 160 38.59 -9.07 9.42
N GLU A 161 38.70 -8.75 10.73
CA GLU A 161 39.62 -9.35 11.69
C GLU A 161 39.46 -10.88 11.75
N ASN A 162 38.22 -11.37 11.55
CA ASN A 162 37.90 -12.80 11.63
C ASN A 162 37.47 -13.43 10.31
N ARG A 163 37.62 -12.67 9.19
N ARG A 163 37.65 -12.72 9.17
CA ARG A 163 37.26 -13.00 7.81
CA ARG A 163 37.28 -13.16 7.81
C ARG A 163 35.85 -13.65 7.75
C ARG A 163 35.82 -13.70 7.75
N GLN A 164 34.94 -13.10 8.57
CA GLN A 164 33.54 -13.51 8.65
C GLN A 164 32.68 -12.50 7.92
N ILE A 165 31.85 -13.01 7.00
CA ILE A 165 30.96 -12.20 6.16
C ILE A 165 29.54 -12.77 6.18
N ARG A 166 28.52 -11.88 6.27
CA ARG A 166 27.12 -12.30 6.24
C ARG A 166 26.23 -11.42 5.39
N LEU A 167 25.35 -12.05 4.61
CA LEU A 167 24.35 -11.36 3.81
C LEU A 167 23.11 -11.23 4.76
N ILE A 168 22.77 -9.98 5.12
CA ILE A 168 21.68 -9.66 6.05
C ILE A 168 20.49 -9.00 5.33
N SER A 169 19.51 -8.48 6.09
CA SER A 169 18.32 -7.80 5.58
C SER A 169 17.50 -8.66 4.61
N TRP A 170 16.86 -9.72 5.15
CA TRP A 170 16.01 -10.63 4.36
C TRP A 170 14.52 -10.21 4.35
N GLY A 171 14.27 -8.94 4.72
CA GLY A 171 12.94 -8.35 4.80
C GLY A 171 12.24 -8.18 3.47
N LEU A 172 13.03 -7.90 2.41
CA LEU A 172 12.52 -7.73 1.04
C LEU A 172 12.60 -8.99 0.22
N ALA A 173 13.33 -10.01 0.75
CA ALA A 173 13.47 -11.34 0.15
C ALA A 173 12.08 -11.95 -0.07
N GLU A 174 11.92 -12.60 -1.22
CA GLU A 174 10.70 -13.21 -1.69
C GLU A 174 11.03 -14.54 -2.37
N PHE A 175 10.04 -15.47 -2.46
CA PHE A 175 10.22 -16.77 -3.08
C PHE A 175 9.96 -16.70 -4.59
N TYR A 176 10.81 -17.38 -5.40
CA TYR A 176 10.59 -17.41 -6.85
C TYR A 176 9.67 -18.55 -7.27
N HIS A 177 8.62 -18.16 -8.03
CA HIS A 177 7.60 -19.04 -8.60
C HIS A 177 7.46 -18.63 -10.06
N PRO A 178 7.72 -19.54 -11.05
CA PRO A 178 7.59 -19.16 -12.47
C PRO A 178 6.22 -18.61 -12.81
N GLY A 179 6.21 -17.48 -13.50
CA GLY A 179 4.97 -16.84 -13.93
C GLY A 179 4.39 -15.83 -12.95
N GLN A 180 4.97 -15.75 -11.75
CA GLN A 180 4.49 -14.80 -10.77
C GLN A 180 5.04 -13.44 -11.07
N GLU A 181 4.17 -12.42 -10.92
CA GLU A 181 4.48 -11.01 -11.10
C GLU A 181 4.89 -10.49 -9.74
N TYR A 182 6.05 -9.84 -9.68
CA TYR A 182 6.65 -9.34 -8.44
C TYR A 182 6.66 -7.83 -8.39
N ASN A 183 6.69 -7.25 -7.16
CA ASN A 183 6.72 -5.81 -6.97
C ASN A 183 8.07 -5.25 -7.43
N VAL A 184 8.05 -4.36 -8.45
CA VAL A 184 9.27 -3.72 -8.97
C VAL A 184 9.85 -2.69 -7.99
N ARG A 185 9.02 -2.21 -7.03
CA ARG A 185 9.42 -1.22 -6.03
C ARG A 185 10.16 -1.83 -4.87
N VAL A 186 11.29 -2.50 -5.18
CA VAL A 186 12.24 -3.11 -4.24
C VAL A 186 13.65 -2.68 -4.66
N ALA A 187 14.60 -2.84 -3.78
CA ALA A 187 16.02 -2.51 -3.83
C ALA A 187 16.29 -1.03 -3.90
N SER A 188 17.54 -0.63 -3.53
CA SER A 188 18.00 0.77 -3.60
C SER A 188 18.01 1.13 -5.07
N ARG A 189 17.57 2.36 -5.39
CA ARG A 189 17.54 2.89 -6.76
C ARG A 189 18.84 2.59 -7.46
N TYR A 190 19.97 2.83 -6.77
CA TYR A 190 21.32 2.62 -7.29
C TYR A 190 21.66 1.15 -7.64
N TYR A 191 21.00 0.18 -6.97
CA TYR A 191 21.21 -1.26 -7.15
C TYR A 191 20.01 -1.97 -7.82
N LYS A 192 19.00 -1.20 -8.30
CA LYS A 192 17.82 -1.68 -9.04
C LYS A 192 18.22 -2.06 -10.46
N GLY A 193 17.92 -3.29 -10.84
CA GLY A 193 18.20 -3.78 -12.19
C GLY A 193 17.29 -3.15 -13.21
N PRO A 194 17.67 -3.11 -14.51
CA PRO A 194 16.80 -2.53 -15.54
C PRO A 194 15.37 -3.05 -15.54
N GLU A 195 15.17 -4.36 -15.26
CA GLU A 195 13.84 -4.98 -15.16
C GLU A 195 12.93 -4.25 -14.17
N LEU A 196 13.49 -3.75 -13.06
CA LEU A 196 12.73 -3.00 -12.07
C LEU A 196 12.42 -1.57 -12.61
N LEU A 197 13.37 -0.99 -13.35
CA LEU A 197 13.21 0.35 -13.89
C LEU A 197 12.22 0.42 -15.06
N ILE A 198 12.20 -0.60 -15.94
CA ILE A 198 11.30 -0.66 -17.12
C ILE A 198 9.94 -1.32 -16.81
N ASP A 199 9.67 -1.58 -15.50
CA ASP A 199 8.43 -2.16 -14.97
C ASP A 199 8.15 -3.61 -15.44
N LEU A 200 9.20 -4.44 -15.60
CA LEU A 200 9.10 -5.85 -15.95
C LEU A 200 8.91 -6.63 -14.65
N GLN A 201 7.65 -6.92 -14.30
CA GLN A 201 7.30 -7.61 -13.06
C GLN A 201 7.65 -9.11 -13.04
N LEU A 202 7.87 -9.74 -14.21
CA LEU A 202 8.24 -11.17 -14.30
C LEU A 202 9.77 -11.35 -14.20
N TYR A 203 10.34 -10.89 -13.10
CA TYR A 203 11.76 -11.02 -12.87
C TYR A 203 12.08 -12.24 -12.02
N ASP A 204 13.38 -12.57 -11.86
CA ASP A 204 13.83 -13.74 -11.12
C ASP A 204 15.10 -13.49 -10.36
N TYR A 205 15.79 -14.56 -9.98
CA TYR A 205 17.04 -14.59 -9.23
C TYR A 205 18.11 -13.69 -9.82
N SER A 206 18.08 -13.48 -11.16
CA SER A 206 19.00 -12.68 -11.97
C SER A 206 19.16 -11.25 -11.45
N LEU A 207 18.14 -10.77 -10.74
CA LEU A 207 18.09 -9.45 -10.17
C LEU A 207 19.24 -9.22 -9.18
N ASP A 208 19.56 -10.26 -8.39
CA ASP A 208 20.62 -10.22 -7.38
C ASP A 208 22.00 -10.10 -8.00
N ILE A 209 22.21 -10.65 -9.22
CA ILE A 209 23.49 -10.55 -9.95
C ILE A 209 23.70 -9.12 -10.48
N TRP A 210 22.61 -8.42 -10.84
CA TRP A 210 22.73 -7.03 -11.27
C TRP A 210 23.21 -6.20 -10.09
N SER A 211 22.54 -6.31 -8.93
CA SER A 211 22.86 -5.61 -7.71
C SER A 211 24.29 -5.88 -7.28
N LEU A 212 24.73 -7.17 -7.32
CA LEU A 212 26.10 -7.54 -6.96
C LEU A 212 27.11 -6.98 -7.95
N GLY A 213 26.71 -6.87 -9.21
CA GLY A 213 27.52 -6.29 -10.28
C GLY A 213 27.78 -4.83 -10.01
N CYS A 214 26.73 -4.10 -9.59
CA CYS A 214 26.77 -2.69 -9.22
C CYS A 214 27.71 -2.51 -8.04
N MET A 215 27.66 -3.45 -7.07
CA MET A 215 28.49 -3.44 -5.88
C MET A 215 29.96 -3.66 -6.25
N LEU A 216 30.25 -4.73 -6.99
CA LEU A 216 31.58 -5.05 -7.46
C LEU A 216 32.19 -3.92 -8.33
N ALA A 217 31.39 -3.31 -9.22
CA ALA A 217 31.84 -2.19 -10.07
C ALA A 217 32.25 -0.99 -9.19
N GLY A 218 31.40 -0.66 -8.21
CA GLY A 218 31.63 0.41 -7.26
C GLY A 218 32.87 0.20 -6.41
N MET A 219 33.11 -1.06 -5.96
CA MET A 219 34.27 -1.44 -5.17
C MET A 219 35.58 -1.35 -5.94
N ILE A 220 35.66 -2.00 -7.12
CA ILE A 220 36.90 -2.03 -7.89
C ILE A 220 37.16 -0.71 -8.66
N PHE A 221 36.10 0.01 -9.12
CA PHE A 221 36.29 1.30 -9.81
C PHE A 221 36.34 2.47 -8.82
N LYS A 222 36.16 2.15 -7.51
CA LYS A 222 36.16 3.09 -6.37
C LYS A 222 35.16 4.25 -6.59
N LYS A 223 33.92 3.91 -7.01
CA LYS A 223 32.83 4.84 -7.31
C LYS A 223 31.53 4.22 -6.83
N GLU A 224 31.13 4.48 -5.57
CA GLU A 224 29.89 3.97 -4.99
C GLU A 224 28.97 5.15 -4.60
N PRO A 225 27.69 5.17 -5.05
CA PRO A 225 27.04 4.21 -5.97
C PRO A 225 27.60 4.28 -7.39
N PHE A 226 27.71 3.11 -8.06
CA PHE A 226 28.28 3.11 -9.41
C PHE A 226 27.39 3.88 -10.37
N PHE A 227 26.07 3.57 -10.40
CA PHE A 227 25.09 4.26 -11.23
C PHE A 227 24.25 5.15 -10.29
N CYS A 228 24.47 6.49 -10.32
CA CYS A 228 23.85 7.45 -9.40
C CYS A 228 22.74 8.34 -10.02
N GLY A 229 21.55 7.79 -10.18
CA GLY A 229 20.40 8.49 -10.76
C GLY A 229 19.66 9.39 -9.80
N HIS A 230 19.18 10.55 -10.29
CA HIS A 230 18.41 11.55 -9.51
C HIS A 230 16.96 11.12 -9.23
N ASP A 231 16.44 10.17 -10.04
CA ASP A 231 15.10 9.59 -9.95
C ASP A 231 15.08 8.20 -10.61
N ASN A 232 13.94 7.49 -10.62
CA ASN A 232 13.89 6.16 -11.21
C ASN A 232 14.09 6.17 -12.71
N TYR A 233 13.58 7.20 -13.38
CA TYR A 233 13.74 7.37 -14.82
C TYR A 233 15.20 7.73 -15.16
N ASP A 234 15.86 8.55 -14.30
CA ASP A 234 17.23 8.96 -14.49
C ASP A 234 18.22 7.84 -14.25
N GLN A 235 17.85 6.89 -13.40
CA GLN A 235 18.67 5.74 -13.07
C GLN A 235 18.91 4.88 -14.32
N LEU A 236 17.85 4.69 -15.16
CA LEU A 236 17.98 3.94 -16.41
C LEU A 236 18.91 4.67 -17.38
N VAL A 237 18.87 6.03 -17.38
CA VAL A 237 19.74 6.87 -18.20
C VAL A 237 21.18 6.74 -17.74
N LYS A 238 21.43 6.77 -16.41
CA LYS A 238 22.79 6.58 -15.85
C LYS A 238 23.34 5.22 -16.29
N ILE A 239 22.48 4.17 -16.32
CA ILE A 239 22.84 2.81 -16.78
C ILE A 239 23.14 2.81 -18.30
N ALA A 240 22.19 3.35 -19.12
CA ALA A 240 22.27 3.42 -20.58
C ALA A 240 23.47 4.24 -21.06
N LYS A 241 23.86 5.27 -20.30
CA LYS A 241 25.03 6.10 -20.61
C LYS A 241 26.33 5.28 -20.49
N VAL A 242 26.26 4.08 -19.88
CA VAL A 242 27.39 3.16 -19.73
C VAL A 242 27.23 1.97 -20.67
N LEU A 243 26.12 1.21 -20.57
CA LEU A 243 25.87 -0.01 -21.38
C LEU A 243 25.40 0.22 -22.85
N GLY A 244 25.10 1.47 -23.19
CA GLY A 244 24.62 1.83 -24.52
C GLY A 244 23.16 1.54 -24.73
N THR A 245 22.49 2.33 -25.55
CA THR A 245 21.05 2.15 -25.76
C THR A 245 20.72 1.01 -26.76
N GLU A 246 21.66 0.64 -27.67
CA GLU A 246 21.44 -0.42 -28.68
C GLU A 246 20.99 -1.72 -28.04
N ASP A 247 21.70 -2.16 -26.98
CA ASP A 247 21.38 -3.39 -26.22
C ASP A 247 20.10 -3.21 -25.39
N LEU A 248 19.73 -1.94 -25.07
CA LEU A 248 18.52 -1.61 -24.30
C LEU A 248 17.31 -1.75 -25.16
N HIS A 249 17.37 -1.22 -26.40
CA HIS A 249 16.25 -1.31 -27.34
C HIS A 249 15.99 -2.75 -27.73
N ALA A 250 17.07 -3.52 -27.90
CA ALA A 250 17.03 -4.94 -28.19
C ALA A 250 16.36 -5.73 -27.04
N TYR A 251 16.63 -5.33 -25.78
CA TYR A 251 16.09 -5.90 -24.55
C TYR A 251 14.59 -5.65 -24.47
N LEU A 252 14.16 -4.42 -24.77
CA LEU A 252 12.75 -4.05 -24.71
C LEU A 252 11.96 -4.75 -25.81
N LYS A 253 12.52 -4.83 -27.04
CA LYS A 253 11.91 -5.51 -28.18
C LYS A 253 11.69 -7.02 -27.91
N LYS A 254 12.67 -7.70 -27.22
CA LYS A 254 12.61 -9.12 -26.88
C LYS A 254 11.48 -9.46 -25.91
N TYR A 255 11.43 -8.74 -24.77
CA TYR A 255 10.44 -8.95 -23.73
C TYR A 255 9.15 -8.18 -23.98
N ASN A 256 9.04 -7.55 -25.17
CA ASN A 256 7.92 -6.71 -25.64
C ASN A 256 7.44 -5.76 -24.54
N ILE A 257 8.35 -4.86 -24.13
CA ILE A 257 8.11 -3.84 -23.12
C ILE A 257 8.17 -2.49 -23.80
N LYS A 258 7.12 -1.70 -23.66
CA LYS A 258 7.05 -0.37 -24.26
C LYS A 258 7.26 0.66 -23.16
N LEU A 259 8.31 1.49 -23.30
CA LEU A 259 8.68 2.52 -22.32
C LEU A 259 7.63 3.62 -22.20
N LYS A 260 7.44 4.11 -20.96
CA LYS A 260 6.52 5.17 -20.54
C LYS A 260 6.61 6.47 -21.38
N PRO A 261 5.60 7.39 -21.31
CA PRO A 261 5.72 8.66 -22.09
C PRO A 261 6.85 9.57 -21.57
N HIS A 262 7.29 9.29 -20.32
CA HIS A 262 8.34 9.96 -19.55
C HIS A 262 9.73 9.56 -20.03
N TYR A 263 9.95 8.26 -20.29
CA TYR A 263 11.23 7.70 -20.70
C TYR A 263 11.77 8.18 -22.05
N LEU A 264 10.95 8.10 -23.11
CA LEU A 264 11.29 8.46 -24.50
C LEU A 264 12.00 9.84 -24.69
N ASN A 265 11.66 10.83 -23.83
CA ASN A 265 12.22 12.19 -23.88
C ASN A 265 13.61 12.30 -23.21
N ILE A 266 13.73 11.78 -21.98
CA ILE A 266 14.98 11.80 -21.20
C ILE A 266 16.04 10.83 -21.73
N LEU A 267 15.63 9.69 -22.32
CA LEU A 267 16.54 8.69 -22.85
C LEU A 267 17.05 9.07 -24.24
N GLY A 268 18.34 9.34 -24.33
CA GLY A 268 18.97 9.68 -25.59
C GLY A 268 19.46 8.43 -26.30
N GLU A 269 20.41 8.60 -27.21
CA GLU A 269 21.01 7.48 -27.93
C GLU A 269 22.48 7.50 -27.52
N TYR A 270 22.87 6.53 -26.68
CA TYR A 270 24.22 6.44 -26.15
C TYR A 270 24.96 5.24 -26.66
N GLU A 271 26.27 5.43 -26.90
CA GLU A 271 27.17 4.36 -27.29
C GLU A 271 27.69 3.75 -26.00
N ARG A 272 27.98 2.44 -26.02
CA ARG A 272 28.48 1.74 -24.85
C ARG A 272 29.85 2.28 -24.46
N LYS A 273 29.98 2.71 -23.21
CA LYS A 273 31.24 3.19 -22.64
C LYS A 273 32.08 1.95 -22.29
N PRO A 274 33.33 1.84 -22.80
CA PRO A 274 34.17 0.70 -22.42
C PRO A 274 34.55 0.79 -20.94
N TRP A 275 34.69 -0.35 -20.24
CA TRP A 275 35.03 -0.38 -18.82
C TRP A 275 36.34 0.33 -18.50
N SER A 276 37.26 0.44 -19.49
CA SER A 276 38.53 1.14 -19.32
C SER A 276 38.35 2.64 -19.01
N HIS A 277 37.21 3.24 -19.43
CA HIS A 277 37.00 4.66 -19.20
CA HIS A 277 36.83 4.64 -19.22
C HIS A 277 36.79 4.98 -17.72
N PHE A 278 36.49 3.96 -16.88
CA PHE A 278 36.32 4.15 -15.44
C PHE A 278 37.60 4.04 -14.62
N LEU A 279 38.73 3.69 -15.28
CA LEU A 279 40.03 3.56 -14.62
C LEU A 279 40.55 4.93 -14.21
N THR A 280 41.22 4.99 -13.05
CA THR A 280 41.84 6.17 -12.44
C THR A 280 43.18 5.75 -11.81
N GLN A 281 43.95 6.72 -11.27
CA GLN A 281 45.22 6.44 -10.61
C GLN A 281 44.96 5.64 -9.36
N SER A 282 43.90 6.02 -8.63
CA SER A 282 43.50 5.41 -7.37
C SER A 282 42.93 3.99 -7.50
N ASN A 283 42.48 3.55 -8.68
CA ASN A 283 41.86 2.24 -8.79
C ASN A 283 42.53 1.21 -9.72
N ILE A 284 43.45 1.59 -10.67
CA ILE A 284 44.06 0.62 -11.62
C ILE A 284 44.64 -0.61 -10.91
N ASP A 285 45.24 -0.43 -9.71
CA ASP A 285 45.84 -1.50 -8.88
C ASP A 285 44.87 -2.68 -8.57
N ILE A 286 43.56 -2.40 -8.46
CA ILE A 286 42.54 -3.44 -8.21
C ILE A 286 41.68 -3.71 -9.47
N ALA A 287 41.45 -2.67 -10.30
CA ALA A 287 40.65 -2.75 -11.53
C ALA A 287 41.40 -3.46 -12.69
N LYS A 288 41.81 -4.72 -12.42
CA LYS A 288 42.53 -5.56 -13.39
C LYS A 288 41.56 -6.22 -14.39
N ASP A 289 42.09 -6.78 -15.48
CA ASP A 289 41.35 -7.38 -16.58
C ASP A 289 40.40 -8.53 -16.18
N GLU A 290 40.79 -9.41 -15.23
CA GLU A 290 39.95 -10.53 -14.76
C GLU A 290 38.62 -10.04 -14.14
N VAL A 291 38.68 -9.09 -13.17
CA VAL A 291 37.48 -8.52 -12.51
C VAL A 291 36.58 -7.75 -13.50
N ILE A 292 37.18 -6.98 -14.45
CA ILE A 292 36.43 -6.22 -15.46
C ILE A 292 35.59 -7.18 -16.33
N ASP A 293 36.19 -8.35 -16.69
CA ASP A 293 35.46 -9.37 -17.43
C ASP A 293 34.28 -9.87 -16.60
N LEU A 294 34.51 -10.14 -15.30
CA LEU A 294 33.46 -10.59 -14.39
C LEU A 294 32.31 -9.58 -14.31
N ILE A 295 32.61 -8.27 -14.16
CA ILE A 295 31.62 -7.18 -14.14
C ILE A 295 30.80 -7.16 -15.45
N ASP A 296 31.49 -7.31 -16.61
CA ASP A 296 30.92 -7.31 -17.95
C ASP A 296 29.88 -8.43 -18.13
N LYS A 297 30.09 -9.57 -17.45
CA LYS A 297 29.22 -10.76 -17.50
C LYS A 297 27.99 -10.62 -16.56
N MET A 298 28.05 -9.68 -15.60
CA MET A 298 26.98 -9.40 -14.61
C MET A 298 26.11 -8.21 -15.04
N LEU A 299 26.73 -7.04 -15.31
CA LEU A 299 25.98 -5.87 -15.74
C LEU A 299 25.62 -5.96 -17.24
N ILE A 300 24.50 -6.66 -17.50
CA ILE A 300 23.89 -6.97 -18.79
C ILE A 300 22.39 -6.65 -18.61
N TYR A 301 21.76 -5.91 -19.56
CA TYR A 301 20.32 -5.61 -19.43
C TYR A 301 19.51 -6.90 -19.35
N ASP A 302 19.75 -7.82 -20.32
CA ASP A 302 19.05 -9.07 -20.40
C ASP A 302 19.29 -9.94 -19.21
N HIS A 303 18.31 -9.95 -18.30
CA HIS A 303 18.40 -10.74 -17.08
C HIS A 303 18.67 -12.21 -17.34
N ALA A 304 18.14 -12.74 -18.46
CA ALA A 304 18.33 -14.12 -18.88
C ALA A 304 19.74 -14.41 -19.39
N LYS A 305 20.52 -13.37 -19.79
CA LYS A 305 21.87 -13.50 -20.33
C LYS A 305 22.95 -13.22 -19.29
N ARG A 306 22.55 -12.83 -18.07
CA ARG A 306 23.50 -12.57 -16.99
C ARG A 306 24.04 -13.87 -16.43
N ILE A 307 25.31 -13.83 -15.99
CA ILE A 307 26.02 -14.94 -15.37
C ILE A 307 25.31 -15.32 -14.06
N ALA A 308 25.29 -16.60 -13.74
CA ALA A 308 24.68 -17.07 -12.52
C ALA A 308 25.76 -17.10 -11.43
N PRO A 309 25.41 -16.89 -10.13
CA PRO A 309 26.42 -16.99 -9.05
C PRO A 309 27.24 -18.30 -9.07
N LYS A 310 26.59 -19.41 -9.45
CA LYS A 310 27.14 -20.76 -9.62
C LYS A 310 28.33 -20.70 -10.64
N GLU A 311 28.10 -20.02 -11.79
CA GLU A 311 29.04 -19.83 -12.91
C GLU A 311 30.12 -18.79 -12.58
N ALA A 312 29.74 -17.69 -11.90
CA ALA A 312 30.64 -16.59 -11.52
C ALA A 312 31.74 -17.11 -10.64
N MET A 313 31.42 -18.09 -9.77
CA MET A 313 32.36 -18.75 -8.86
C MET A 313 33.41 -19.55 -9.60
N GLU A 314 33.07 -20.01 -10.80
CA GLU A 314 33.98 -20.77 -11.66
C GLU A 314 34.93 -19.89 -12.48
N HIS A 315 34.69 -18.57 -12.47
CA HIS A 315 35.47 -17.55 -13.17
C HIS A 315 36.94 -17.55 -12.74
N PRO A 316 37.92 -17.29 -13.66
CA PRO A 316 39.35 -17.27 -13.27
C PRO A 316 39.73 -16.24 -12.22
N TYR A 317 38.94 -15.12 -12.12
CA TYR A 317 39.16 -14.06 -11.12
C TYR A 317 39.33 -14.70 -9.71
N PHE A 318 38.54 -15.72 -9.40
CA PHE A 318 38.66 -16.43 -8.15
C PHE A 318 39.47 -17.69 -8.40
N ARG A 319 40.71 -17.70 -7.92
CA ARG A 319 41.51 -18.91 -7.99
C ARG A 319 41.61 -19.38 -6.55
N GLU A 320 40.41 -19.90 -6.09
CA GLU A 320 39.99 -20.42 -4.78
C GLU A 320 40.26 -21.88 -4.57
N VAL A 321 41.55 -22.17 -4.32
CA VAL A 321 42.12 -23.46 -3.95
C VAL A 321 42.13 -23.46 -2.40
N ARG A 322 41.19 -22.67 -1.80
CA ARG A 322 40.98 -22.38 -0.38
C ARG A 322 42.26 -21.77 0.23
N ILE B 2 -11.50 34.36 21.76
CA ILE B 2 -11.58 32.91 21.92
C ILE B 2 -11.78 32.21 20.55
N PRO B 3 -10.75 31.49 20.01
CA PRO B 3 -10.94 30.77 18.72
C PRO B 3 -12.11 29.81 18.81
N LYS B 4 -12.93 29.75 17.73
CA LYS B 4 -14.13 28.91 17.61
C LYS B 4 -13.86 27.53 18.19
N PHE B 5 -12.78 26.88 17.68
CA PHE B 5 -12.32 25.54 18.07
C PHE B 5 -10.85 25.59 18.50
N TYR B 6 -10.39 24.49 19.15
CA TYR B 6 -9.03 24.19 19.60
C TYR B 6 -8.30 25.29 20.41
N ALA B 7 -9.05 26.15 21.11
CA ALA B 7 -8.52 27.27 21.89
C ALA B 7 -7.59 26.84 23.04
N ASP B 8 -7.96 25.77 23.75
CA ASP B 8 -7.25 25.23 24.91
C ASP B 8 -6.53 23.89 24.66
N VAL B 9 -6.13 23.58 23.40
CA VAL B 9 -5.47 22.31 23.09
C VAL B 9 -4.17 22.14 23.93
N ASN B 10 -3.26 23.15 23.87
CA ASN B 10 -1.97 23.18 24.58
C ASN B 10 -2.13 23.22 26.11
N ILE B 11 -3.26 23.74 26.60
CA ILE B 11 -3.57 23.85 28.04
C ILE B 11 -3.68 22.46 28.66
N HIS B 12 -4.35 21.52 27.97
CA HIS B 12 -4.55 20.15 28.43
C HIS B 12 -3.44 19.19 27.98
N LYS B 13 -2.44 19.71 27.26
CA LYS B 13 -1.30 18.91 26.80
C LYS B 13 -0.15 19.03 27.83
N PRO B 14 0.71 17.99 28.03
CA PRO B 14 1.80 18.12 29.01
C PRO B 14 2.84 19.16 28.58
N LYS B 15 3.51 19.84 29.54
CA LYS B 15 4.49 20.88 29.22
C LYS B 15 5.50 20.47 28.13
N GLU B 16 5.92 19.18 28.13
CA GLU B 16 6.86 18.59 27.17
C GLU B 16 6.44 18.78 25.71
N TYR B 17 5.11 18.82 25.47
CA TYR B 17 4.52 18.99 24.16
C TYR B 17 4.84 20.33 23.50
N TYR B 18 4.79 21.43 24.28
CA TYR B 18 5.01 22.79 23.74
C TYR B 18 6.30 23.48 24.19
N ASP B 19 7.01 22.95 25.22
CA ASP B 19 8.28 23.50 25.71
C ASP B 19 9.45 22.97 24.84
N TYR B 20 9.53 23.50 23.59
CA TYR B 20 10.55 23.15 22.57
C TYR B 20 11.91 23.67 22.97
N ASP B 21 11.92 24.67 23.87
CA ASP B 21 13.07 25.37 24.41
C ASP B 21 14.04 24.39 25.09
N ASN B 22 13.50 23.52 25.98
CA ASN B 22 14.27 22.53 26.73
C ASN B 22 14.14 21.09 26.14
N LEU B 23 14.31 20.96 24.81
CA LEU B 23 14.21 19.68 24.10
C LEU B 23 15.60 19.10 23.77
N GLU B 24 15.82 17.84 24.16
CA GLU B 24 17.08 17.17 23.90
C GLU B 24 17.01 16.52 22.52
N LEU B 25 17.82 17.05 21.58
CA LEU B 25 17.86 16.54 20.21
C LEU B 25 18.97 15.53 20.03
N GLN B 26 18.63 14.37 19.43
CA GLN B 26 19.61 13.35 19.11
C GLN B 26 19.88 13.38 17.62
N TRP B 27 21.01 14.02 17.30
CA TRP B 27 21.48 14.21 15.93
C TRP B 27 22.13 12.94 15.44
N ASN B 28 21.78 12.52 14.23
CA ASN B 28 22.35 11.30 13.66
C ASN B 28 23.45 11.60 12.66
N LYS B 29 24.20 10.56 12.24
CA LYS B 29 25.28 10.67 11.27
C LYS B 29 24.66 10.90 9.88
N PRO B 30 25.20 11.82 9.04
CA PRO B 30 24.55 12.08 7.74
C PRO B 30 24.94 11.14 6.60
N ASN B 31 25.89 10.22 6.89
CA ASN B 31 26.48 9.22 6.00
C ASN B 31 25.51 8.55 5.02
N ARG B 32 24.36 8.02 5.51
CA ARG B 32 23.36 7.31 4.69
C ARG B 32 22.64 8.16 3.63
N TYR B 33 22.64 9.49 3.77
CA TYR B 33 21.92 10.34 2.83
C TYR B 33 22.80 10.88 1.73
N GLU B 34 22.63 10.35 0.51
CA GLU B 34 23.34 10.75 -0.70
C GLU B 34 22.85 12.11 -1.16
N ILE B 35 23.68 13.17 -1.06
CA ILE B 35 23.27 14.53 -1.48
C ILE B 35 23.41 14.67 -2.99
N MET B 36 22.35 15.20 -3.65
CA MET B 36 22.27 15.39 -5.10
C MET B 36 21.90 16.86 -5.48
N LYS B 37 21.04 17.08 -6.49
CA LYS B 37 20.70 18.43 -6.95
C LYS B 37 20.00 19.28 -5.93
N LYS B 38 20.35 20.58 -5.86
CA LYS B 38 19.74 21.58 -4.98
C LYS B 38 18.38 21.91 -5.56
N ILE B 39 17.34 21.64 -4.78
CA ILE B 39 15.95 21.84 -5.22
C ILE B 39 15.29 23.10 -4.62
N GLY B 40 15.86 23.63 -3.54
CA GLY B 40 15.32 24.81 -2.90
C GLY B 40 16.33 25.72 -2.22
N ARG B 41 15.93 26.97 -2.07
CA ARG B 41 16.71 28.00 -1.41
C ARG B 41 15.78 28.76 -0.49
N GLY B 42 16.15 28.83 0.76
CA GLY B 42 15.40 29.54 1.80
C GLY B 42 16.22 30.70 2.33
N LYS B 43 15.64 31.43 3.30
CA LYS B 43 16.30 32.57 3.93
C LYS B 43 17.53 32.08 4.72
N TYR B 44 17.36 31.00 5.51
CA TYR B 44 18.44 30.42 6.31
C TYR B 44 18.59 28.90 6.07
N SER B 45 18.28 28.45 4.85
CA SER B 45 18.42 27.04 4.48
C SER B 45 18.62 26.81 2.99
N GLU B 46 19.06 25.60 2.64
CA GLU B 46 19.24 25.11 1.28
C GLU B 46 18.66 23.70 1.28
N VAL B 47 17.73 23.42 0.35
CA VAL B 47 17.10 22.11 0.26
C VAL B 47 17.62 21.40 -0.97
N PHE B 48 18.06 20.13 -0.78
CA PHE B 48 18.62 19.26 -1.81
C PHE B 48 17.82 17.99 -1.96
N ASN B 49 17.77 17.47 -3.19
CA ASN B 49 17.18 16.18 -3.46
C ASN B 49 18.29 15.20 -3.00
N GLY B 50 17.90 14.22 -2.20
CA GLY B 50 18.81 13.23 -1.66
C GLY B 50 18.25 11.83 -1.77
N TYR B 51 18.97 10.85 -1.21
CA TYR B 51 18.53 9.47 -1.19
C TYR B 51 19.01 8.77 0.04
N ASP B 52 18.07 8.24 0.83
CA ASP B 52 18.41 7.41 1.98
C ASP B 52 18.87 6.10 1.34
N THR B 53 20.16 5.84 1.41
CA THR B 53 20.80 4.66 0.84
C THR B 53 20.52 3.42 1.68
N GLU B 54 20.09 3.61 2.95
CA GLU B 54 19.77 2.51 3.87
C GLU B 54 18.33 2.04 3.77
N CYS B 55 17.38 2.96 3.57
CA CYS B 55 15.96 2.64 3.52
C CYS B 55 15.36 2.66 2.12
N ASN B 56 16.20 2.74 1.06
CA ASN B 56 15.79 2.77 -0.37
C ASN B 56 14.62 3.75 -0.55
N ARG B 57 14.90 5.03 -0.27
CA ARG B 57 13.88 6.04 -0.21
C ARG B 57 14.42 7.42 -0.62
N PRO B 58 13.69 8.17 -1.49
CA PRO B 58 14.13 9.54 -1.81
C PRO B 58 13.82 10.45 -0.61
N CYS B 59 14.58 11.53 -0.49
CA CYS B 59 14.36 12.49 0.57
C CYS B 59 14.74 13.90 0.12
N ALA B 60 14.33 14.89 0.90
CA ALA B 60 14.68 16.28 0.72
C ALA B 60 15.52 16.66 1.95
N ILE B 61 16.82 16.92 1.74
CA ILE B 61 17.78 17.25 2.79
C ILE B 61 17.82 18.79 2.93
N LYS B 62 17.33 19.33 4.07
CA LYS B 62 17.31 20.78 4.34
C LYS B 62 18.47 21.16 5.25
N VAL B 63 19.57 21.66 4.66
CA VAL B 63 20.80 22.06 5.37
C VAL B 63 20.57 23.48 5.90
N LEU B 64 20.67 23.64 7.22
CA LEU B 64 20.41 24.88 7.92
C LEU B 64 21.62 25.80 8.07
N LYS B 65 21.39 27.12 7.93
CA LYS B 65 22.37 28.20 8.09
C LYS B 65 22.35 28.63 9.57
N PRO B 66 23.48 29.12 10.17
CA PRO B 66 23.48 29.48 11.60
C PRO B 66 22.30 30.33 12.09
N VAL B 67 21.33 29.64 12.73
CA VAL B 67 20.13 30.20 13.36
C VAL B 67 20.03 29.71 14.81
N LYS B 68 19.39 30.51 15.69
CA LYS B 68 19.23 30.16 17.11
C LYS B 68 18.72 28.73 17.29
N LYS B 69 19.32 28.01 18.26
CA LYS B 69 19.00 26.62 18.61
C LYS B 69 17.50 26.43 18.89
N LYS B 70 16.86 27.40 19.59
CA LYS B 70 15.42 27.40 19.93
C LYS B 70 14.51 27.40 18.67
N LYS B 71 14.91 28.12 17.59
CA LYS B 71 14.16 28.15 16.33
C LYS B 71 14.26 26.83 15.58
N ILE B 72 15.41 26.10 15.70
CA ILE B 72 15.63 24.77 15.10
C ILE B 72 14.89 23.71 15.95
N LYS B 73 14.88 23.90 17.29
CA LYS B 73 14.19 23.03 18.26
C LYS B 73 12.67 23.16 18.07
N ARG B 74 12.21 24.38 17.77
CA ARG B 74 10.80 24.65 17.54
C ARG B 74 10.32 23.89 16.32
N GLU B 75 10.94 24.14 15.12
CA GLU B 75 10.58 23.49 13.83
C GLU B 75 10.50 21.99 13.97
N ILE B 76 11.51 21.38 14.62
CA ILE B 76 11.58 19.95 14.86
C ILE B 76 10.41 19.51 15.75
N LYS B 77 10.21 20.10 16.96
CA LYS B 77 9.10 19.77 17.86
C LYS B 77 7.74 19.79 17.14
N ILE B 78 7.46 20.86 16.36
CA ILE B 78 6.22 21.00 15.60
C ILE B 78 6.09 19.86 14.59
N LEU B 79 7.15 19.59 13.82
CA LEU B 79 7.13 18.51 12.82
C LEU B 79 6.86 17.15 13.48
N GLN B 80 7.50 16.90 14.62
CA GLN B 80 7.34 15.68 15.40
C GLN B 80 5.87 15.56 15.86
N ASN B 81 5.33 16.62 16.50
CA ASN B 81 3.94 16.68 16.97
C ASN B 81 2.88 16.52 15.87
N LEU B 82 3.24 16.83 14.62
CA LEU B 82 2.35 16.71 13.47
C LEU B 82 2.59 15.46 12.61
N ASN B 83 3.47 14.55 13.05
CA ASN B 83 3.75 13.31 12.33
C ASN B 83 2.47 12.52 12.07
N GLY B 84 2.26 12.13 10.81
CA GLY B 84 1.09 11.37 10.39
C GLY B 84 -0.17 12.19 10.15
N GLY B 85 -0.01 13.51 10.17
CA GLY B 85 -1.11 14.41 9.92
C GLY B 85 -1.48 14.37 8.46
N PRO B 86 -2.76 14.54 8.10
CA PRO B 86 -3.12 14.46 6.68
C PRO B 86 -2.46 15.58 5.90
N ASN B 87 -1.67 15.20 4.88
CA ASN B 87 -0.99 16.13 3.95
C ASN B 87 0.04 17.08 4.62
N ILE B 88 0.65 16.63 5.74
CA ILE B 88 1.68 17.37 6.47
C ILE B 88 3.00 16.65 6.22
N ILE B 89 4.03 17.37 5.71
CA ILE B 89 5.37 16.86 5.41
C ILE B 89 5.95 16.06 6.59
N LYS B 90 6.50 14.88 6.29
CA LYS B 90 7.05 13.99 7.29
C LYS B 90 8.52 14.28 7.51
N LEU B 91 8.94 14.39 8.77
CA LEU B 91 10.35 14.57 9.14
C LEU B 91 10.86 13.15 9.37
N LEU B 92 11.79 12.68 8.54
CA LEU B 92 12.31 11.32 8.62
C LEU B 92 13.49 11.19 9.57
N ASP B 93 14.35 12.22 9.59
CA ASP B 93 15.57 12.25 10.41
C ASP B 93 16.11 13.68 10.60
N ILE B 94 16.99 13.84 11.59
CA ILE B 94 17.72 15.05 11.89
C ILE B 94 19.19 14.63 11.96
N VAL B 95 20.04 15.22 11.12
CA VAL B 95 21.45 14.84 11.06
C VAL B 95 22.36 16.04 11.31
N LYS B 96 23.57 15.79 11.80
CA LYS B 96 24.58 16.83 12.04
C LYS B 96 25.94 16.32 11.57
N ASP B 97 26.64 17.12 10.72
CA ASP B 97 27.97 16.80 10.19
C ASP B 97 28.95 16.76 11.37
N PRO B 98 29.75 15.69 11.52
CA PRO B 98 30.68 15.64 12.68
C PRO B 98 31.74 16.75 12.69
N VAL B 99 32.32 17.05 11.51
CA VAL B 99 33.37 18.06 11.32
C VAL B 99 32.79 19.48 11.42
N THR B 100 32.00 19.91 10.42
CA THR B 100 31.42 21.26 10.37
C THR B 100 30.39 21.55 11.46
N LYS B 101 29.82 20.50 12.10
CA LYS B 101 28.77 20.58 13.12
C LYS B 101 27.50 21.30 12.57
N THR B 102 27.27 21.17 11.24
CA THR B 102 26.13 21.78 10.56
C THR B 102 24.93 20.85 10.60
N PRO B 103 23.80 21.34 11.13
CA PRO B 103 22.61 20.49 11.17
C PRO B 103 21.83 20.50 9.85
N SER B 104 21.15 19.40 9.58
CA SER B 104 20.31 19.22 8.41
C SER B 104 19.09 18.44 8.85
N LEU B 105 17.92 18.73 8.25
CA LEU B 105 16.67 18.02 8.51
C LEU B 105 16.34 17.21 7.27
N ILE B 106 16.00 15.93 7.45
CA ILE B 106 15.67 15.02 6.35
C ILE B 106 14.15 14.85 6.30
N PHE B 107 13.54 15.23 5.18
CA PHE B 107 12.09 15.14 4.98
C PHE B 107 11.78 14.17 3.86
N GLU B 108 10.55 13.63 3.85
CA GLU B 108 10.06 12.81 2.73
C GLU B 108 10.10 13.70 1.46
N TYR B 109 10.51 13.15 0.32
CA TYR B 109 10.60 13.94 -0.91
C TYR B 109 9.26 14.03 -1.62
N ILE B 110 8.87 15.23 -2.08
CA ILE B 110 7.65 15.47 -2.91
C ILE B 110 8.11 16.10 -4.22
N ASN B 111 7.83 15.42 -5.35
CA ASN B 111 8.23 15.93 -6.65
C ASN B 111 7.33 17.11 -7.09
N ASN B 112 7.68 18.33 -6.65
CA ASN B 112 6.91 19.53 -6.95
C ASN B 112 7.24 20.11 -8.33
N ILE B 113 6.28 20.88 -8.87
CA ILE B 113 6.30 21.65 -10.11
C ILE B 113 5.87 23.06 -9.66
N ASP B 114 6.64 24.11 -10.00
CA ASP B 114 6.35 25.51 -9.63
C ASP B 114 4.87 25.81 -9.90
N PHE B 115 4.15 26.30 -8.86
CA PHE B 115 2.72 26.60 -8.98
C PHE B 115 2.41 27.49 -10.17
N LYS B 116 3.32 28.43 -10.51
CA LYS B 116 3.19 29.32 -11.68
C LYS B 116 3.04 28.55 -13.01
N THR B 117 3.52 27.28 -13.03
CA THR B 117 3.45 26.38 -14.20
C THR B 117 2.31 25.38 -14.02
N LEU B 118 2.13 24.90 -12.77
CA LEU B 118 1.16 23.88 -12.39
C LEU B 118 -0.26 24.39 -12.32
N TYR B 119 -0.53 25.40 -11.47
CA TYR B 119 -1.87 25.97 -11.26
C TYR B 119 -2.64 26.30 -12.55
N PRO B 120 -2.05 26.86 -13.62
CA PRO B 120 -2.85 27.09 -14.84
C PRO B 120 -3.32 25.81 -15.54
N LYS B 121 -2.69 24.66 -15.26
CA LYS B 121 -3.05 23.36 -15.83
C LYS B 121 -4.20 22.67 -15.03
N PHE B 122 -4.57 23.24 -13.85
CA PHE B 122 -5.62 22.69 -13.00
C PHE B 122 -7.03 22.88 -13.58
N THR B 123 -7.93 21.97 -13.19
CA THR B 123 -9.34 22.00 -13.58
C THR B 123 -10.14 22.45 -12.34
N ASP B 124 -11.47 22.65 -12.48
CA ASP B 124 -12.32 23.01 -11.36
C ASP B 124 -12.21 21.90 -10.30
N LYS B 125 -12.25 20.62 -10.75
CA LYS B 125 -12.12 19.44 -9.88
C LYS B 125 -10.75 19.35 -9.20
N ASP B 126 -9.66 19.83 -9.86
CA ASP B 126 -8.32 19.80 -9.28
C ASP B 126 -8.23 20.76 -8.10
N ILE B 127 -8.64 22.04 -8.31
CA ILE B 127 -8.64 23.08 -7.28
C ILE B 127 -9.47 22.64 -6.09
N ARG B 128 -10.70 22.10 -6.35
CA ARG B 128 -11.62 21.58 -5.34
C ARG B 128 -10.92 20.57 -4.43
N TYR B 129 -10.24 19.55 -5.03
CA TYR B 129 -9.51 18.48 -4.33
C TYR B 129 -8.34 19.00 -3.52
N TYR B 130 -7.41 19.76 -4.16
CA TYR B 130 -6.20 20.26 -3.49
C TYR B 130 -6.51 21.25 -2.36
N ILE B 131 -7.53 22.12 -2.49
CA ILE B 131 -7.91 23.06 -1.42
C ILE B 131 -8.47 22.26 -0.24
N TYR B 132 -9.28 21.23 -0.52
CA TYR B 132 -9.83 20.36 0.53
C TYR B 132 -8.69 19.76 1.35
N GLN B 133 -7.68 19.23 0.66
CA GLN B 133 -6.51 18.63 1.27
C GLN B 133 -5.73 19.60 2.18
N ILE B 134 -5.53 20.89 1.75
CA ILE B 134 -4.87 21.93 2.59
C ILE B 134 -5.72 22.22 3.83
N LEU B 135 -7.06 22.22 3.67
CA LEU B 135 -7.99 22.40 4.78
C LEU B 135 -7.89 21.24 5.79
N LYS B 136 -7.73 19.99 5.31
CA LYS B 136 -7.54 18.80 6.17
C LYS B 136 -6.26 18.96 7.02
N ALA B 137 -5.16 19.43 6.37
CA ALA B 137 -3.86 19.70 6.99
C ALA B 137 -3.99 20.77 8.10
N LEU B 138 -4.53 21.96 7.74
CA LEU B 138 -4.75 23.07 8.68
C LEU B 138 -5.67 22.68 9.83
N ASP B 139 -6.72 21.86 9.58
CA ASP B 139 -7.58 21.41 10.67
C ASP B 139 -6.76 20.53 11.62
N TYR B 140 -5.92 19.60 11.07
CA TYR B 140 -5.05 18.76 11.90
C TYR B 140 -4.08 19.56 12.75
N CYS B 141 -3.30 20.50 12.18
CA CYS B 141 -2.37 21.22 13.04
C CYS B 141 -3.08 22.10 14.06
N HIS B 142 -4.28 22.61 13.74
CA HIS B 142 -5.05 23.44 14.67
C HIS B 142 -5.54 22.60 15.81
N SER B 143 -5.94 21.36 15.51
CA SER B 143 -6.39 20.38 16.50
C SER B 143 -5.24 19.97 17.41
N GLN B 144 -3.99 20.17 16.92
CA GLN B 144 -2.78 19.88 17.68
C GLN B 144 -2.18 21.14 18.35
N GLY B 145 -2.97 22.24 18.37
CA GLY B 145 -2.59 23.52 18.95
C GLY B 145 -1.46 24.26 18.27
N ILE B 146 -1.32 24.12 16.94
CA ILE B 146 -0.26 24.77 16.18
C ILE B 146 -0.83 25.65 15.06
N MET B 147 -0.23 26.84 14.89
CA MET B 147 -0.53 27.80 13.81
C MET B 147 0.58 27.65 12.78
N HIS B 148 0.26 27.50 11.48
CA HIS B 148 1.32 27.41 10.47
C HIS B 148 2.00 28.77 10.30
N ARG B 149 1.16 29.84 10.30
CA ARG B 149 1.53 31.25 10.18
C ARG B 149 2.21 31.64 8.84
N ASP B 150 2.27 30.77 7.85
CA ASP B 150 2.91 31.10 6.58
C ASP B 150 2.30 30.30 5.42
N VAL B 151 0.96 30.26 5.35
CA VAL B 151 0.30 29.53 4.28
C VAL B 151 0.38 30.39 3.01
N LYS B 152 0.98 29.84 1.95
CA LYS B 152 1.14 30.48 0.63
C LYS B 152 1.36 29.41 -0.42
N PRO B 153 1.11 29.65 -1.73
CA PRO B 153 1.31 28.58 -2.73
C PRO B 153 2.72 27.98 -2.73
N HIS B 154 3.69 28.76 -2.27
CA HIS B 154 5.12 28.47 -2.16
C HIS B 154 5.40 27.41 -1.09
N ASN B 155 4.50 27.26 -0.12
CA ASN B 155 4.66 26.31 0.98
C ASN B 155 3.74 25.12 0.84
N ILE B 156 3.23 24.91 -0.38
CA ILE B 156 2.39 23.78 -0.73
C ILE B 156 3.05 23.01 -1.86
N MET B 157 3.51 21.77 -1.57
CA MET B 157 4.16 20.90 -2.55
C MET B 157 3.13 19.96 -3.14
N ILE B 158 3.06 19.91 -4.49
CA ILE B 158 2.11 19.07 -5.23
C ILE B 158 2.83 18.23 -6.30
N ASP B 159 2.61 16.90 -6.25
CA ASP B 159 3.07 15.92 -7.24
C ASP B 159 1.77 15.53 -7.97
N HIS B 160 1.32 16.39 -8.91
CA HIS B 160 0.05 16.22 -9.61
C HIS B 160 -0.16 14.82 -10.19
N GLU B 161 0.90 14.24 -10.78
CA GLU B 161 0.95 12.92 -11.38
C GLU B 161 0.49 11.83 -10.40
N ASN B 162 0.77 12.01 -9.09
CA ASN B 162 0.46 11.06 -8.02
C ASN B 162 -0.57 11.55 -7.02
N ARG B 163 -1.23 12.70 -7.34
CA ARG B 163 -2.24 13.39 -6.52
C ARG B 163 -1.83 13.44 -5.03
N GLN B 164 -0.51 13.74 -4.80
CA GLN B 164 0.11 13.89 -3.50
C GLN B 164 0.39 15.36 -3.24
N ILE B 165 -0.06 15.85 -2.07
CA ILE B 165 0.09 17.25 -1.66
C ILE B 165 0.60 17.33 -0.23
N ARG B 166 1.53 18.27 0.04
CA ARG B 166 2.07 18.50 1.39
C ARG B 166 2.22 19.96 1.74
N LEU B 167 1.84 20.29 2.98
CA LEU B 167 2.03 21.62 3.55
C LEU B 167 3.44 21.57 4.23
N ILE B 168 4.38 22.36 3.68
CA ILE B 168 5.78 22.42 4.15
C ILE B 168 6.09 23.75 4.87
N SER B 169 7.37 24.01 5.17
CA SER B 169 7.87 25.24 5.81
C SER B 169 7.21 25.50 7.17
N TRP B 170 7.54 24.64 8.16
CA TRP B 170 7.02 24.76 9.53
C TRP B 170 7.96 25.58 10.46
N GLY B 171 8.86 26.36 9.83
CA GLY B 171 9.83 27.22 10.50
C GLY B 171 9.23 28.38 11.26
N LEU B 172 8.13 28.95 10.71
CA LEU B 172 7.40 30.05 11.31
C LEU B 172 6.25 29.60 12.18
N ALA B 173 5.89 28.30 12.10
CA ALA B 173 4.84 27.68 12.91
C ALA B 173 5.12 27.84 14.38
N GLU B 174 4.05 28.03 15.19
CA GLU B 174 4.10 28.24 16.63
C GLU B 174 2.90 27.59 17.37
N PHE B 175 3.10 27.26 18.66
CA PHE B 175 2.06 26.69 19.50
C PHE B 175 1.12 27.78 19.99
N TYR B 176 -0.20 27.60 19.83
CA TYR B 176 -1.14 28.63 20.30
C TYR B 176 -1.43 28.49 21.80
N HIS B 177 -1.37 29.64 22.49
CA HIS B 177 -1.57 29.76 23.92
C HIS B 177 -2.51 30.96 24.17
N PRO B 178 -3.75 30.77 24.69
CA PRO B 178 -4.65 31.92 24.92
C PRO B 178 -4.04 33.03 25.76
N GLY B 179 -4.11 34.25 25.24
CA GLY B 179 -3.55 35.41 25.90
C GLY B 179 -2.11 35.72 25.54
N GLN B 180 -1.48 34.82 24.76
CA GLN B 180 -0.11 35.05 24.33
C GLN B 180 -0.09 36.02 23.17
N GLU B 181 0.87 36.96 23.23
CA GLU B 181 1.12 37.95 22.21
C GLU B 181 2.16 37.35 21.26
N TYR B 182 1.84 37.36 19.97
CA TYR B 182 2.65 36.76 18.90
C TYR B 182 3.27 37.81 18.00
N ASN B 183 4.41 37.46 17.37
CA ASN B 183 5.12 38.36 16.46
C ASN B 183 4.29 38.55 15.19
N VAL B 184 3.92 39.80 14.90
CA VAL B 184 3.14 40.14 13.70
C VAL B 184 3.98 40.10 12.40
N ARG B 185 5.31 39.98 12.52
CA ARG B 185 6.22 39.94 11.39
C ARG B 185 6.44 38.49 10.92
N VAL B 186 5.41 37.85 10.33
CA VAL B 186 5.64 36.44 9.97
C VAL B 186 5.41 36.13 8.44
N ALA B 187 4.18 35.84 8.01
CA ALA B 187 3.81 35.47 6.66
C ALA B 187 4.27 36.45 5.54
N SER B 188 4.05 36.06 4.26
CA SER B 188 4.32 36.90 3.10
C SER B 188 3.35 38.05 3.18
N ARG B 189 3.84 39.28 2.88
CA ARG B 189 3.04 40.51 2.89
C ARG B 189 1.70 40.26 2.21
N TYR B 190 1.73 39.61 1.04
CA TYR B 190 0.55 39.30 0.23
C TYR B 190 -0.47 38.35 0.91
N TYR B 191 -0.01 37.51 1.84
CA TYR B 191 -0.84 36.53 2.56
C TYR B 191 -1.04 36.88 4.06
N LYS B 192 -0.57 38.08 4.49
CA LYS B 192 -0.68 38.59 5.86
C LYS B 192 -2.11 39.04 6.09
N GLY B 193 -2.74 38.50 7.14
CA GLY B 193 -4.09 38.89 7.53
C GLY B 193 -4.13 40.30 8.10
N PRO B 194 -5.30 40.96 8.09
CA PRO B 194 -5.37 42.33 8.66
C PRO B 194 -4.83 42.47 10.08
N GLU B 195 -5.03 41.44 10.95
CA GLU B 195 -4.51 41.41 12.32
C GLU B 195 -2.99 41.64 12.37
N LEU B 196 -2.25 41.11 11.38
CA LEU B 196 -0.81 41.30 11.29
C LEU B 196 -0.49 42.73 10.83
N LEU B 197 -1.32 43.29 9.92
CA LEU B 197 -1.10 44.62 9.38
C LEU B 197 -1.44 45.73 10.37
N ILE B 198 -2.51 45.56 11.20
CA ILE B 198 -2.94 46.55 12.20
C ILE B 198 -2.26 46.36 13.57
N ASP B 199 -1.24 45.49 13.64
CA ASP B 199 -0.42 45.17 14.81
C ASP B 199 -1.19 44.54 16.01
N LEU B 200 -2.19 43.69 15.70
CA LEU B 200 -2.97 42.96 16.70
C LEU B 200 -2.18 41.67 17.01
N GLN B 201 -1.38 41.70 18.11
CA GLN B 201 -0.53 40.58 18.51
C GLN B 201 -1.29 39.37 19.10
N LEU B 202 -2.53 39.57 19.57
CA LEU B 202 -3.35 38.49 20.12
C LEU B 202 -4.15 37.77 19.04
N TYR B 203 -3.43 37.19 18.06
CA TYR B 203 -4.05 36.46 16.97
C TYR B 203 -4.06 34.96 17.26
N ASP B 204 -4.73 34.18 16.40
CA ASP B 204 -4.87 32.73 16.57
C ASP B 204 -4.83 31.96 15.21
N TYR B 205 -5.29 30.70 15.20
CA TYR B 205 -5.38 29.80 14.04
C TYR B 205 -6.13 30.41 12.85
N SER B 206 -6.96 31.44 13.10
CA SER B 206 -7.77 32.16 12.10
C SER B 206 -6.93 32.83 11.02
N LEU B 207 -5.67 33.10 11.35
CA LEU B 207 -4.67 33.71 10.48
C LEU B 207 -4.44 32.83 9.24
N ASP B 208 -4.39 31.51 9.43
CA ASP B 208 -4.18 30.53 8.37
C ASP B 208 -5.33 30.50 7.35
N ILE B 209 -6.58 30.78 7.79
CA ILE B 209 -7.75 30.82 6.90
C ILE B 209 -7.73 32.08 6.02
N TRP B 210 -7.16 33.19 6.53
CA TRP B 210 -7.03 34.40 5.73
C TRP B 210 -6.06 34.11 4.60
N SER B 211 -4.87 33.56 4.93
CA SER B 211 -3.82 33.20 3.97
C SER B 211 -4.34 32.23 2.92
N LEU B 212 -5.08 31.20 3.34
CA LEU B 212 -5.67 30.24 2.41
C LEU B 212 -6.75 30.89 1.52
N GLY B 213 -7.47 31.87 2.08
CA GLY B 213 -8.48 32.64 1.37
C GLY B 213 -7.84 33.43 0.25
N CYS B 214 -6.68 34.07 0.53
CA CYS B 214 -5.86 34.82 -0.42
C CYS B 214 -5.38 33.91 -1.54
N MET B 215 -5.00 32.68 -1.17
CA MET B 215 -4.54 31.67 -2.12
C MET B 215 -5.67 31.24 -3.03
N LEU B 216 -6.80 30.82 -2.45
CA LEU B 216 -7.99 30.40 -3.18
C LEU B 216 -8.51 31.49 -4.13
N ALA B 217 -8.54 32.77 -3.66
CA ALA B 217 -8.98 33.92 -4.45
C ALA B 217 -8.06 34.09 -5.68
N GLY B 218 -6.75 34.03 -5.46
CA GLY B 218 -5.74 34.12 -6.50
C GLY B 218 -5.82 33.01 -7.52
N MET B 219 -6.10 31.78 -7.07
CA MET B 219 -6.23 30.59 -7.93
C MET B 219 -7.45 30.66 -8.83
N ILE B 220 -8.64 30.91 -8.24
CA ILE B 220 -9.90 30.94 -8.99
C ILE B 220 -10.09 32.22 -9.81
N PHE B 221 -9.64 33.40 -9.29
CA PHE B 221 -9.77 34.67 -10.03
C PHE B 221 -8.61 34.88 -10.98
N LYS B 222 -7.63 33.93 -10.97
CA LYS B 222 -6.43 33.91 -11.80
C LYS B 222 -5.62 35.22 -11.65
N LYS B 223 -5.40 35.63 -10.38
CA LYS B 223 -4.67 36.84 -10.02
C LYS B 223 -3.86 36.56 -8.74
N GLU B 224 -2.59 36.10 -8.88
CA GLU B 224 -1.70 35.84 -7.72
C GLU B 224 -0.48 36.77 -7.82
N PRO B 225 -0.15 37.55 -6.75
CA PRO B 225 -0.86 37.64 -5.46
C PRO B 225 -2.20 38.35 -5.59
N PHE B 226 -3.23 37.88 -4.87
CA PHE B 226 -4.55 38.52 -4.98
C PHE B 226 -4.51 39.96 -4.51
N PHE B 227 -3.95 40.20 -3.30
CA PHE B 227 -3.78 41.54 -2.73
C PHE B 227 -2.28 41.88 -2.81
N CYS B 228 -1.90 42.78 -3.75
CA CYS B 228 -0.51 43.12 -4.05
C CYS B 228 -0.06 44.53 -3.56
N GLY B 229 0.17 44.68 -2.24
CA GLY B 229 0.62 45.92 -1.64
C GLY B 229 2.09 46.21 -1.87
N HIS B 230 2.45 47.51 -1.95
CA HIS B 230 3.83 48.01 -2.15
C HIS B 230 4.67 48.00 -0.86
N ASP B 231 4.02 48.01 0.31
CA ASP B 231 4.65 47.92 1.62
C ASP B 231 3.64 47.30 2.58
N ASN B 232 3.86 47.35 3.89
CA ASN B 232 2.88 46.77 4.81
C ASN B 232 1.63 47.64 4.96
N TYR B 233 1.82 48.95 4.87
CA TYR B 233 0.72 49.90 4.96
C TYR B 233 -0.16 49.84 3.69
N ASP B 234 0.49 49.65 2.52
CA ASP B 234 -0.17 49.59 1.22
C ASP B 234 -0.97 48.32 1.05
N GLN B 235 -0.51 47.22 1.71
CA GLN B 235 -1.19 45.93 1.70
C GLN B 235 -2.59 46.03 2.29
N LEU B 236 -2.76 46.79 3.42
CA LEU B 236 -4.07 46.99 4.05
C LEU B 236 -5.01 47.78 3.13
N VAL B 237 -4.45 48.75 2.37
CA VAL B 237 -5.19 49.56 1.38
C VAL B 237 -5.66 48.65 0.24
N LYS B 238 -4.78 47.77 -0.29
CA LYS B 238 -5.15 46.81 -1.34
C LYS B 238 -6.32 45.91 -0.87
N ILE B 239 -6.32 45.51 0.44
CA ILE B 239 -7.38 44.73 1.08
C ILE B 239 -8.67 45.55 1.20
N ALA B 240 -8.58 46.76 1.78
CA ALA B 240 -9.68 47.69 1.99
C ALA B 240 -10.35 48.14 0.70
N LYS B 241 -9.57 48.26 -0.40
CA LYS B 241 -10.09 48.61 -1.72
C LYS B 241 -11.03 47.50 -2.25
N VAL B 242 -11.00 46.30 -1.62
CA VAL B 242 -11.86 45.17 -1.98
C VAL B 242 -12.97 44.97 -0.92
N LEU B 243 -12.61 44.78 0.35
CA LEU B 243 -13.56 44.52 1.44
C LEU B 243 -14.31 45.75 2.00
N GLY B 244 -13.91 46.96 1.56
CA GLY B 244 -14.52 48.21 2.02
C GLY B 244 -13.99 48.68 3.36
N THR B 245 -13.97 50.00 3.59
CA THR B 245 -13.48 50.62 4.84
C THR B 245 -14.51 50.65 6.00
N GLU B 246 -15.82 50.46 5.71
CA GLU B 246 -16.86 50.44 6.74
C GLU B 246 -16.64 49.26 7.69
N ASP B 247 -16.39 48.04 7.16
CA ASP B 247 -16.15 46.84 7.96
C ASP B 247 -14.78 46.89 8.65
N LEU B 248 -13.84 47.69 8.11
CA LEU B 248 -12.49 47.84 8.68
C LEU B 248 -12.55 48.71 9.91
N HIS B 249 -13.28 49.84 9.84
CA HIS B 249 -13.43 50.74 10.97
C HIS B 249 -14.17 50.05 12.11
N ALA B 250 -15.18 49.23 11.75
CA ALA B 250 -15.96 48.41 12.68
C ALA B 250 -15.05 47.37 13.37
N TYR B 251 -14.08 46.79 12.61
CA TYR B 251 -13.08 45.79 13.09
C TYR B 251 -12.12 46.41 14.09
N LEU B 252 -11.67 47.64 13.83
CA LEU B 252 -10.76 48.37 14.70
C LEU B 252 -11.47 48.81 15.98
N LYS B 253 -12.73 49.31 15.86
CA LYS B 253 -13.56 49.73 16.98
C LYS B 253 -13.86 48.57 17.96
N LYS B 254 -14.10 47.34 17.42
CA LYS B 254 -14.39 46.12 18.19
C LYS B 254 -13.21 45.69 19.07
N TYR B 255 -12.03 45.50 18.44
CA TYR B 255 -10.81 45.07 19.13
C TYR B 255 -10.03 46.22 19.76
N ASN B 256 -10.63 47.45 19.72
CA ASN B 256 -10.09 48.71 20.22
C ASN B 256 -8.62 48.89 19.81
N ILE B 257 -8.41 48.96 18.49
CA ILE B 257 -7.09 49.14 17.87
C ILE B 257 -7.09 50.48 17.17
N LYS B 258 -6.11 51.32 17.48
CA LYS B 258 -6.01 52.64 16.85
C LYS B 258 -4.85 52.59 15.87
N LEU B 259 -5.15 52.91 14.59
CA LEU B 259 -4.18 52.88 13.50
C LEU B 259 -3.08 53.88 13.64
N LYS B 260 -1.86 53.45 13.29
CA LYS B 260 -0.64 54.26 13.30
C LYS B 260 -0.81 55.40 12.29
N PRO B 261 -0.24 56.60 12.56
CA PRO B 261 -0.42 57.73 11.64
C PRO B 261 -0.31 57.46 10.13
N HIS B 262 0.64 56.59 9.69
CA HIS B 262 0.86 56.24 8.28
C HIS B 262 -0.45 55.91 7.57
N TYR B 263 -1.23 54.99 8.18
CA TYR B 263 -2.55 54.51 7.76
C TYR B 263 -3.60 55.63 7.59
N LEU B 264 -3.73 56.50 8.62
CA LEU B 264 -4.66 57.64 8.64
C LEU B 264 -4.18 58.78 7.70
N ASN B 265 -3.46 58.42 6.61
CA ASN B 265 -2.91 59.33 5.59
C ASN B 265 -3.05 58.69 4.20
N ILE B 266 -2.88 57.36 4.12
CA ILE B 266 -2.95 56.55 2.89
C ILE B 266 -4.29 55.83 2.72
N LEU B 267 -4.98 55.52 3.84
CA LEU B 267 -6.25 54.81 3.83
C LEU B 267 -7.40 55.75 3.54
N GLY B 268 -8.03 55.55 2.39
CA GLY B 268 -9.17 56.36 1.98
C GLY B 268 -10.45 55.75 2.47
N GLU B 269 -11.55 56.14 1.82
CA GLU B 269 -12.85 55.57 2.11
C GLU B 269 -13.29 54.82 0.88
N TYR B 270 -13.35 53.49 1.01
CA TYR B 270 -13.69 52.59 -0.07
C TYR B 270 -14.95 51.81 0.18
N GLU B 271 -15.72 51.61 -0.90
CA GLU B 271 -16.94 50.80 -0.88
C GLU B 271 -16.50 49.36 -1.16
N ARG B 272 -17.21 48.37 -0.58
CA ARG B 272 -16.87 46.97 -0.79
C ARG B 272 -17.09 46.61 -2.25
N LYS B 273 -16.05 46.07 -2.89
CA LYS B 273 -16.12 45.60 -4.27
C LYS B 273 -16.76 44.20 -4.24
N PRO B 274 -17.87 43.99 -5.00
CA PRO B 274 -18.46 42.64 -5.03
C PRO B 274 -17.51 41.67 -5.74
N TRP B 275 -17.49 40.39 -5.32
CA TRP B 275 -16.61 39.40 -5.91
C TRP B 275 -16.80 39.22 -7.42
N SER B 276 -17.98 39.58 -7.95
CA SER B 276 -18.28 39.52 -9.38
C SER B 276 -17.38 40.45 -10.20
N HIS B 277 -16.87 41.55 -9.60
CA HIS B 277 -15.98 42.52 -10.26
C HIS B 277 -14.68 41.86 -10.74
N PHE B 278 -14.27 40.75 -10.09
CA PHE B 278 -13.03 40.04 -10.43
C PHE B 278 -13.15 39.00 -11.53
N LEU B 279 -14.38 38.74 -12.01
CA LEU B 279 -14.64 37.81 -13.11
C LEU B 279 -14.13 38.40 -14.43
N THR B 280 -13.58 37.54 -15.28
CA THR B 280 -13.02 37.84 -16.61
C THR B 280 -13.41 36.71 -17.56
N GLN B 281 -13.04 36.79 -18.84
CA GLN B 281 -13.36 35.70 -19.76
C GLN B 281 -12.54 34.45 -19.39
N SER B 282 -11.29 34.68 -19.00
CA SER B 282 -10.35 33.64 -18.61
C SER B 282 -10.66 32.89 -17.30
N ASN B 283 -11.46 33.48 -16.37
CA ASN B 283 -11.70 32.83 -15.08
C ASN B 283 -13.14 32.29 -14.85
N ILE B 284 -14.16 32.75 -15.65
CA ILE B 284 -15.59 32.39 -15.54
C ILE B 284 -15.82 30.87 -15.25
N ASP B 285 -15.15 30.00 -16.03
CA ASP B 285 -15.18 28.52 -15.98
C ASP B 285 -14.89 27.89 -14.59
N ILE B 286 -14.00 28.51 -13.79
CA ILE B 286 -13.65 28.03 -12.44
C ILE B 286 -14.30 28.90 -11.34
N ALA B 287 -14.39 30.23 -11.56
CA ALA B 287 -14.95 31.22 -10.62
C ALA B 287 -16.48 31.16 -10.51
N LYS B 288 -16.99 29.98 -10.14
CA LYS B 288 -18.43 29.72 -9.98
C LYS B 288 -18.94 30.24 -8.62
N ASP B 289 -20.28 30.32 -8.46
CA ASP B 289 -20.95 30.84 -7.27
C ASP B 289 -20.61 30.11 -5.94
N GLU B 290 -20.44 28.76 -5.95
CA GLU B 290 -20.07 27.96 -4.76
C GLU B 290 -18.72 28.42 -4.14
N VAL B 291 -17.65 28.50 -4.97
CA VAL B 291 -16.31 28.91 -4.53
C VAL B 291 -16.29 30.38 -4.05
N ILE B 292 -17.02 31.29 -4.73
CA ILE B 292 -17.09 32.70 -4.37
C ILE B 292 -17.71 32.87 -2.96
N ASP B 293 -18.74 32.06 -2.65
CA ASP B 293 -19.32 32.04 -1.31
C ASP B 293 -18.26 31.58 -0.29
N LEU B 294 -17.51 30.51 -0.61
CA LEU B 294 -16.43 30.01 0.25
C LEU B 294 -15.38 31.08 0.53
N ILE B 295 -14.91 31.81 -0.50
CA ILE B 295 -13.95 32.91 -0.40
C ILE B 295 -14.50 34.02 0.52
N ASP B 296 -15.79 34.38 0.33
CA ASP B 296 -16.50 35.40 1.10
C ASP B 296 -16.52 35.11 2.60
N LYS B 297 -16.57 33.80 2.97
CA LYS B 297 -16.60 33.32 4.36
C LYS B 297 -15.18 33.27 4.99
N MET B 298 -14.11 33.31 4.16
CA MET B 298 -12.70 33.28 4.59
C MET B 298 -12.10 34.70 4.67
N LEU B 299 -12.17 35.47 3.57
CA LEU B 299 -11.65 36.83 3.54
C LEU B 299 -12.62 37.83 4.22
N ILE B 300 -12.52 37.90 5.55
CA ILE B 300 -13.29 38.71 6.49
C ILE B 300 -12.25 39.37 7.42
N TYR B 301 -12.35 40.69 7.69
CA TYR B 301 -11.40 41.34 8.59
C TYR B 301 -11.38 40.66 9.97
N ASP B 302 -12.57 40.51 10.60
CA ASP B 302 -12.71 39.89 11.91
C ASP B 302 -12.21 38.45 11.89
N HIS B 303 -11.10 38.20 12.59
CA HIS B 303 -10.53 36.85 12.62
C HIS B 303 -11.46 35.85 13.29
N ALA B 304 -12.25 36.34 14.26
CA ALA B 304 -13.22 35.56 15.01
C ALA B 304 -14.45 35.18 14.19
N LYS B 305 -14.71 35.91 13.08
CA LYS B 305 -15.89 35.67 12.23
C LYS B 305 -15.58 34.82 10.96
N ARG B 306 -14.31 34.42 10.77
CA ARG B 306 -13.88 33.60 9.61
C ARG B 306 -14.25 32.13 9.82
N ILE B 307 -14.52 31.37 8.70
CA ILE B 307 -14.84 29.94 8.80
C ILE B 307 -13.62 29.14 9.16
N ALA B 308 -13.82 28.16 10.03
CA ALA B 308 -12.78 27.26 10.47
C ALA B 308 -12.55 26.21 9.39
N PRO B 309 -11.30 25.68 9.24
CA PRO B 309 -11.06 24.62 8.23
C PRO B 309 -12.01 23.43 8.34
N LYS B 310 -12.40 23.07 9.59
CA LYS B 310 -13.36 22.03 9.97
C LYS B 310 -14.72 22.28 9.25
N GLU B 311 -15.21 23.56 9.30
CA GLU B 311 -16.47 24.06 8.71
C GLU B 311 -16.37 24.21 7.20
N ALA B 312 -15.22 24.73 6.71
CA ALA B 312 -14.95 24.95 5.28
C ALA B 312 -15.04 23.66 4.50
N MET B 313 -14.57 22.54 5.10
CA MET B 313 -14.60 21.20 4.51
C MET B 313 -16.02 20.68 4.33
N GLU B 314 -16.95 21.18 5.15
CA GLU B 314 -18.35 20.82 5.09
C GLU B 314 -19.12 21.57 4.00
N HIS B 315 -18.54 22.67 3.47
CA HIS B 315 -19.10 23.51 2.41
C HIS B 315 -19.50 22.74 1.13
N PRO B 316 -20.65 23.10 0.48
CA PRO B 316 -21.08 22.39 -0.74
C PRO B 316 -20.08 22.37 -1.90
N TYR B 317 -19.10 23.30 -1.89
CA TYR B 317 -18.04 23.36 -2.89
C TYR B 317 -17.30 21.99 -2.94
N PHE B 318 -17.21 21.31 -1.77
CA PHE B 318 -16.50 20.03 -1.66
C PHE B 318 -17.39 18.83 -1.48
N ARG B 319 -18.40 18.67 -2.36
CA ARG B 319 -19.26 17.48 -2.33
C ARG B 319 -18.42 16.32 -2.90
N GLU B 320 -17.59 15.73 -1.99
CA GLU B 320 -16.63 14.65 -2.25
C GLU B 320 -16.80 13.47 -1.30
N VAL B 321 -17.72 12.54 -1.68
CA VAL B 321 -17.96 11.28 -0.99
C VAL B 321 -16.60 10.58 -1.03
N ARG B 322 -15.96 10.59 -2.23
CA ARG B 322 -14.63 10.06 -2.52
C ARG B 322 -13.53 10.88 -1.83
N ILE C 2 -9.24 -8.82 9.94
CA ILE C 2 -9.45 -10.26 10.17
C ILE C 2 -9.37 -11.03 8.79
N PRO C 3 -10.29 -10.89 7.75
CA PRO C 3 -10.07 -11.59 6.44
C PRO C 3 -8.80 -11.12 5.72
N LYS C 4 -8.30 -11.89 4.70
CA LYS C 4 -7.06 -11.50 3.98
C LYS C 4 -7.23 -10.13 3.29
N PHE C 5 -8.26 -10.02 2.47
CA PHE C 5 -8.64 -8.83 1.71
C PHE C 5 -10.10 -8.47 2.00
N TYR C 6 -10.52 -7.28 1.55
CA TYR C 6 -11.87 -6.73 1.59
C TYR C 6 -12.56 -6.73 2.96
N ALA C 7 -11.78 -6.74 4.06
CA ALA C 7 -12.32 -6.73 5.43
C ALA C 7 -13.24 -5.52 5.69
N ASP C 8 -12.74 -4.32 5.32
CA ASP C 8 -13.36 -3.03 5.56
C ASP C 8 -14.10 -2.41 4.36
N VAL C 9 -14.59 -3.23 3.40
CA VAL C 9 -15.31 -2.71 2.22
C VAL C 9 -16.55 -1.90 2.63
N ASN C 10 -17.45 -2.49 3.42
CA ASN C 10 -18.69 -1.87 3.90
C ASN C 10 -18.45 -0.69 4.85
N ILE C 11 -17.31 -0.69 5.55
CA ILE C 11 -16.94 0.37 6.48
C ILE C 11 -16.80 1.72 5.74
N HIS C 12 -16.20 1.69 4.54
CA HIS C 12 -16.03 2.90 3.74
C HIS C 12 -17.17 3.11 2.73
N LYS C 13 -18.19 2.24 2.76
CA LYS C 13 -19.38 2.36 1.91
C LYS C 13 -20.50 3.12 2.69
N PRO C 14 -21.37 3.93 2.01
CA PRO C 14 -22.43 4.65 2.76
C PRO C 14 -23.46 3.68 3.36
N LYS C 15 -24.09 4.04 4.52
CA LYS C 15 -25.06 3.14 5.17
C LYS C 15 -26.11 2.56 4.21
N GLU C 16 -26.55 3.36 3.21
CA GLU C 16 -27.54 2.99 2.18
C GLU C 16 -27.18 1.72 1.44
N TYR C 17 -25.87 1.47 1.27
CA TYR C 17 -25.31 0.32 0.57
C TYR C 17 -25.63 -1.03 1.25
N TYR C 18 -25.42 -1.12 2.59
CA TYR C 18 -25.65 -2.35 3.37
C TYR C 18 -27.02 -2.38 4.05
N ASP C 19 -27.57 -1.19 4.38
CA ASP C 19 -28.87 -1.01 5.04
C ASP C 19 -29.99 -1.32 4.05
N TYR C 20 -30.24 -2.63 3.88
CA TYR C 20 -31.27 -3.18 2.99
C TYR C 20 -32.64 -3.15 3.67
N ASP C 21 -32.62 -3.03 5.01
CA ASP C 21 -33.80 -2.98 5.87
C ASP C 21 -34.68 -1.79 5.45
N ASN C 22 -34.06 -0.60 5.29
CA ASN C 22 -34.71 0.63 4.89
C ASN C 22 -34.51 0.96 3.38
N LEU C 23 -34.79 -0.06 2.52
CA LEU C 23 -34.73 0.05 1.06
C LEU C 23 -36.16 0.16 0.56
N GLU C 24 -36.44 1.17 -0.29
CA GLU C 24 -37.76 1.41 -0.87
C GLU C 24 -37.84 0.71 -2.22
N LEU C 25 -38.71 -0.33 -2.32
CA LEU C 25 -38.85 -1.12 -3.53
C LEU C 25 -39.95 -0.60 -4.42
N GLN C 26 -39.64 -0.41 -5.72
CA GLN C 26 -40.62 0.02 -6.70
C GLN C 26 -41.00 -1.19 -7.54
N TRP C 27 -42.13 -1.79 -7.20
CA TRP C 27 -42.67 -2.98 -7.87
C TRP C 27 -43.36 -2.56 -9.16
N ASN C 28 -43.07 -3.27 -10.24
CA ASN C 28 -43.68 -2.96 -11.53
C ASN C 28 -44.81 -3.92 -11.87
N LYS C 29 -45.57 -3.59 -12.93
CA LYS C 29 -46.68 -4.41 -13.42
C LYS C 29 -46.09 -5.65 -14.12
N PRO C 30 -46.64 -6.87 -13.90
CA PRO C 30 -46.04 -8.06 -14.52
C PRO C 30 -46.48 -8.37 -15.95
N ASN C 31 -47.40 -7.58 -16.46
CA ASN C 31 -48.04 -7.66 -17.78
C ASN C 31 -47.11 -8.02 -18.95
N ARG C 32 -45.97 -7.32 -19.11
CA ARG C 32 -45.01 -7.56 -20.21
C ARG C 32 -44.31 -8.91 -20.21
N TYR C 33 -44.28 -9.63 -19.06
CA TYR C 33 -43.58 -10.90 -18.97
C TYR C 33 -44.49 -12.10 -19.20
N GLU C 34 -44.34 -12.73 -20.37
CA GLU C 34 -45.08 -13.90 -20.80
C GLU C 34 -44.57 -15.12 -20.02
N ILE C 35 -45.39 -15.68 -19.11
CA ILE C 35 -44.98 -16.85 -18.31
C ILE C 35 -45.16 -18.12 -19.15
N MET C 36 -44.12 -18.99 -19.16
CA MET C 36 -44.09 -20.25 -19.92
C MET C 36 -43.74 -21.47 -19.02
N LYS C 37 -42.91 -22.43 -19.49
CA LYS C 37 -42.58 -23.64 -18.72
C LYS C 37 -41.85 -23.37 -17.43
N LYS C 38 -42.20 -24.14 -16.37
CA LYS C 38 -41.55 -24.08 -15.05
C LYS C 38 -40.20 -24.73 -15.17
N ILE C 39 -39.15 -23.99 -14.90
CA ILE C 39 -37.78 -24.47 -15.04
C ILE C 39 -37.10 -24.80 -13.71
N GLY C 40 -37.61 -24.26 -12.60
CA GLY C 40 -37.04 -24.49 -11.28
C GLY C 40 -38.00 -24.50 -10.12
N ARG C 41 -37.59 -25.14 -9.04
CA ARG C 41 -38.36 -25.27 -7.80
C ARG C 41 -37.44 -25.01 -6.63
N GLY C 42 -37.84 -24.08 -5.77
CA GLY C 42 -37.12 -23.73 -4.56
C GLY C 42 -37.97 -23.98 -3.34
N LYS C 43 -37.39 -23.67 -2.15
CA LYS C 43 -38.05 -23.81 -0.84
C LYS C 43 -39.27 -22.86 -0.78
N TYR C 44 -39.06 -21.59 -1.17
CA TYR C 44 -40.11 -20.57 -1.16
C TYR C 44 -40.23 -19.85 -2.51
N SER C 45 -39.91 -20.54 -3.60
CA SER C 45 -40.01 -19.98 -4.94
C SER C 45 -40.24 -21.04 -6.02
N GLU C 46 -40.68 -20.58 -7.19
CA GLU C 46 -40.87 -21.35 -8.39
C GLU C 46 -40.29 -20.49 -9.51
N VAL C 47 -39.37 -21.05 -10.31
CA VAL C 47 -38.76 -20.32 -11.41
C VAL C 47 -39.34 -20.83 -12.73
N PHE C 48 -39.77 -19.89 -13.59
CA PHE C 48 -40.37 -20.15 -14.90
C PHE C 48 -39.58 -19.49 -16.02
N ASN C 49 -39.57 -20.13 -17.19
CA ASN C 49 -38.98 -19.55 -18.38
C ASN C 49 -40.06 -18.57 -18.83
N GLY C 50 -39.65 -17.34 -19.12
CA GLY C 50 -40.55 -16.29 -19.55
C GLY C 50 -40.01 -15.53 -20.73
N TYR C 51 -40.72 -14.44 -21.11
CA TYR C 51 -40.29 -13.58 -22.20
C TYR C 51 -40.76 -12.17 -22.00
N ASP C 52 -39.82 -11.21 -22.04
CA ASP C 52 -40.08 -9.78 -21.95
C ASP C 52 -40.55 -9.41 -23.33
N THR C 53 -41.88 -9.30 -23.47
CA THR C 53 -42.56 -8.97 -24.73
C THR C 53 -42.26 -7.55 -25.19
N GLU C 54 -41.81 -6.68 -24.27
CA GLU C 54 -41.47 -5.29 -24.55
C GLU C 54 -40.02 -5.10 -24.99
N CYS C 55 -39.09 -5.84 -24.41
CA CYS C 55 -37.67 -5.70 -24.68
C CYS C 55 -37.09 -6.80 -25.56
N ASN C 56 -37.95 -7.68 -26.15
CA ASN C 56 -37.58 -8.83 -27.02
C ASN C 56 -36.43 -9.61 -26.37
N ARG C 57 -36.69 -10.16 -25.18
CA ARG C 57 -35.66 -10.76 -24.37
C ARG C 57 -36.17 -11.94 -23.53
N PRO C 58 -35.48 -13.09 -23.51
CA PRO C 58 -35.91 -14.18 -22.62
C PRO C 58 -35.56 -13.84 -21.18
N CYS C 59 -36.31 -14.40 -20.23
CA CYS C 59 -36.07 -14.16 -18.82
C CYS C 59 -36.46 -15.36 -17.98
N ALA C 60 -36.03 -15.37 -16.72
CA ALA C 60 -36.38 -16.38 -15.75
C ALA C 60 -37.17 -15.63 -14.67
N ILE C 61 -38.47 -15.94 -14.57
CA ILE C 61 -39.40 -15.32 -13.62
C ILE C 61 -39.42 -16.16 -12.33
N LYS C 62 -38.89 -15.61 -11.21
CA LYS C 62 -38.85 -16.30 -9.91
C LYS C 62 -40.01 -15.82 -9.02
N VAL C 63 -41.09 -16.60 -8.98
CA VAL C 63 -42.29 -16.31 -8.20
C VAL C 63 -42.03 -16.64 -6.73
N LEU C 64 -42.13 -15.65 -5.84
CA LEU C 64 -41.89 -15.84 -4.41
C LEU C 64 -43.12 -16.19 -3.60
N LYS C 65 -42.99 -17.28 -2.84
CA LYS C 65 -43.99 -17.76 -1.88
C LYS C 65 -43.95 -16.79 -0.68
N PRO C 66 -45.09 -16.50 0.01
CA PRO C 66 -45.07 -15.52 1.12
C PRO C 66 -43.93 -15.70 2.14
N VAL C 67 -42.89 -14.83 1.99
CA VAL C 67 -41.71 -14.77 2.85
C VAL C 67 -41.48 -13.37 3.39
N LYS C 68 -40.70 -13.29 4.50
CA LYS C 68 -40.30 -12.08 5.23
C LYS C 68 -39.84 -11.00 4.29
N LYS C 69 -40.40 -9.79 4.46
CA LYS C 69 -40.10 -8.58 3.68
C LYS C 69 -38.62 -8.32 3.68
N LYS C 70 -37.98 -8.48 4.86
CA LYS C 70 -36.54 -8.28 5.09
C LYS C 70 -35.70 -9.15 4.17
N LYS C 71 -36.03 -10.46 4.07
CA LYS C 71 -35.31 -11.43 3.25
C LYS C 71 -35.33 -11.07 1.78
N ILE C 72 -36.50 -10.59 1.26
CA ILE C 72 -36.67 -10.17 -0.15
C ILE C 72 -35.83 -8.92 -0.43
N LYS C 73 -35.93 -7.90 0.47
CA LYS C 73 -35.18 -6.64 0.39
C LYS C 73 -33.67 -6.90 0.37
N ARG C 74 -33.20 -7.86 1.19
CA ARG C 74 -31.80 -8.26 1.24
C ARG C 74 -31.35 -8.79 -0.12
N GLU C 75 -32.06 -9.83 -0.69
CA GLU C 75 -31.78 -10.45 -2.01
C GLU C 75 -31.71 -9.40 -3.12
N ILE C 76 -32.67 -8.45 -3.15
CA ILE C 76 -32.73 -7.36 -4.12
C ILE C 76 -31.53 -6.44 -3.97
N LYS C 77 -31.28 -5.92 -2.75
CA LYS C 77 -30.14 -5.03 -2.49
C LYS C 77 -28.84 -5.64 -2.98
N ILE C 78 -28.59 -6.91 -2.63
CA ILE C 78 -27.39 -7.64 -3.05
C ILE C 78 -27.31 -7.74 -4.59
N LEU C 79 -28.43 -8.10 -5.27
CA LEU C 79 -28.50 -8.23 -6.74
C LEU C 79 -28.31 -6.90 -7.46
N GLN C 80 -28.73 -5.84 -6.80
CA GLN C 80 -28.57 -4.48 -7.30
C GLN C 80 -27.09 -4.09 -7.16
N ASN C 81 -26.50 -4.24 -5.94
CA ASN C 81 -25.09 -3.95 -5.65
C ASN C 81 -24.09 -4.74 -6.48
N LEU C 82 -24.50 -5.91 -7.00
CA LEU C 82 -23.65 -6.77 -7.82
C LEU C 82 -23.94 -6.67 -9.33
N ASN C 83 -24.80 -5.71 -9.74
CA ASN C 83 -25.12 -5.52 -11.16
C ASN C 83 -23.85 -5.25 -11.98
N GLY C 84 -23.69 -6.02 -13.06
CA GLY C 84 -22.55 -5.92 -13.95
C GLY C 84 -21.30 -6.65 -13.49
N GLY C 85 -21.44 -7.43 -12.42
CA GLY C 85 -20.34 -8.20 -11.87
C GLY C 85 -20.02 -9.33 -12.83
N PRO C 86 -18.74 -9.74 -12.98
CA PRO C 86 -18.43 -10.82 -13.91
C PRO C 86 -19.11 -12.10 -13.49
N ASN C 87 -19.93 -12.68 -14.39
CA ASN C 87 -20.62 -13.97 -14.17
C ASN C 87 -21.61 -14.00 -12.98
N ILE C 88 -22.18 -12.84 -12.64
CA ILE C 88 -23.19 -12.69 -11.59
C ILE C 88 -24.53 -12.42 -12.28
N ILE C 89 -25.56 -13.24 -11.99
CA ILE C 89 -26.92 -13.15 -12.56
C ILE C 89 -27.48 -11.72 -12.46
N LYS C 90 -28.02 -11.21 -13.57
CA LYS C 90 -28.56 -9.87 -13.65
C LYS C 90 -30.03 -9.87 -13.26
N LEU C 91 -30.42 -8.94 -12.37
CA LEU C 91 -31.82 -8.77 -11.98
C LEU C 91 -32.34 -7.71 -12.92
N LEU C 92 -33.29 -8.06 -13.78
CA LEU C 92 -33.82 -7.14 -14.80
C LEU C 92 -34.97 -6.30 -14.32
N ASP C 93 -35.82 -6.89 -13.47
CA ASP C 93 -37.00 -6.24 -12.93
C ASP C 93 -37.53 -6.97 -11.69
N ILE C 94 -38.37 -6.26 -10.94
CA ILE C 94 -39.08 -6.77 -9.77
C ILE C 94 -40.55 -6.40 -10.02
N VAL C 95 -41.41 -7.41 -10.05
CA VAL C 95 -42.82 -7.20 -10.36
C VAL C 95 -43.70 -7.73 -9.23
N LYS C 96 -44.90 -7.18 -9.10
CA LYS C 96 -45.87 -7.63 -8.11
C LYS C 96 -47.26 -7.67 -8.78
N ASP C 97 -47.96 -8.82 -8.64
CA ASP C 97 -49.30 -9.03 -9.20
C ASP C 97 -50.26 -8.06 -8.50
N PRO C 98 -51.07 -7.28 -9.23
CA PRO C 98 -51.96 -6.32 -8.56
C PRO C 98 -53.01 -6.98 -7.66
N VAL C 99 -53.62 -8.08 -8.13
CA VAL C 99 -54.66 -8.83 -7.41
C VAL C 99 -54.07 -9.63 -6.23
N THR C 100 -53.29 -10.71 -6.52
CA THR C 100 -52.70 -11.57 -5.49
C THR C 100 -51.64 -10.90 -4.61
N LYS C 101 -51.08 -9.76 -5.08
CA LYS C 101 -50.01 -9.00 -4.41
C LYS C 101 -48.74 -9.88 -4.20
N THR C 102 -48.54 -10.87 -5.10
CA THR C 102 -47.40 -11.80 -5.07
C THR C 102 -46.22 -11.22 -5.82
N PRO C 103 -45.08 -11.10 -5.14
CA PRO C 103 -43.89 -10.58 -5.82
C PRO C 103 -43.16 -11.64 -6.63
N SER C 104 -42.53 -11.21 -7.73
CA SER C 104 -41.70 -12.02 -8.62
C SER C 104 -40.43 -11.22 -8.94
N LEU C 105 -39.30 -11.92 -9.13
CA LEU C 105 -38.03 -11.32 -9.51
C LEU C 105 -37.74 -11.78 -10.93
N ILE C 106 -37.50 -10.84 -11.84
CA ILE C 106 -37.21 -11.16 -13.23
C ILE C 106 -35.70 -11.12 -13.43
N PHE C 107 -35.11 -12.25 -13.82
CA PHE C 107 -33.68 -12.36 -14.05
C PHE C 107 -33.40 -12.63 -15.50
N GLU C 108 -32.18 -12.32 -15.99
CA GLU C 108 -31.72 -12.70 -17.32
C GLU C 108 -31.79 -14.26 -17.39
N TYR C 109 -32.24 -14.79 -18.53
CA TYR C 109 -32.35 -16.25 -18.66
C TYR C 109 -31.03 -16.90 -19.04
N ILE C 110 -30.66 -18.01 -18.35
CA ILE C 110 -29.47 -18.83 -18.68
C ILE C 110 -29.97 -20.24 -18.99
N ASN C 111 -29.72 -20.74 -20.22
CA ASN C 111 -30.16 -22.08 -20.60
C ASN C 111 -29.25 -23.13 -19.98
N ASN C 112 -29.58 -23.54 -18.74
CA ASN C 112 -28.81 -24.51 -17.97
C ASN C 112 -29.16 -25.94 -18.34
N ILE C 113 -28.19 -26.84 -18.11
CA ILE C 113 -28.24 -28.30 -18.27
C ILE C 113 -27.76 -28.81 -16.89
N ASP C 114 -28.53 -29.71 -16.24
CA ASP C 114 -28.22 -30.28 -14.92
C ASP C 114 -26.75 -30.69 -14.88
N PHE C 115 -26.00 -30.19 -13.88
CA PHE C 115 -24.58 -30.50 -13.75
C PHE C 115 -24.29 -32.01 -13.80
N LYS C 116 -25.20 -32.83 -13.25
CA LYS C 116 -25.10 -34.30 -13.25
C LYS C 116 -25.01 -34.88 -14.69
N THR C 117 -25.48 -34.11 -15.69
CA THR C 117 -25.48 -34.47 -17.11
C THR C 117 -24.36 -33.73 -17.83
N LEU C 118 -24.15 -32.46 -17.47
CA LEU C 118 -23.18 -31.55 -18.08
C LEU C 118 -21.75 -31.81 -17.67
N TYR C 119 -21.45 -31.76 -16.36
CA TYR C 119 -20.10 -31.93 -15.82
C TYR C 119 -19.36 -33.16 -16.39
N PRO C 120 -19.97 -34.36 -16.55
CA PRO C 120 -19.20 -35.49 -17.13
C PRO C 120 -18.77 -35.29 -18.60
N LYS C 121 -19.41 -34.35 -19.32
CA LYS C 121 -19.09 -34.01 -20.71
C LYS C 121 -17.93 -33.01 -20.79
N PHE C 122 -17.51 -32.44 -19.64
CA PHE C 122 -16.44 -31.45 -19.55
C PHE C 122 -15.06 -32.05 -19.76
N THR C 123 -14.18 -31.26 -20.40
CA THR C 123 -12.78 -31.56 -20.68
C THR C 123 -11.94 -30.88 -19.58
N ASP C 124 -10.61 -31.13 -19.57
CA ASP C 124 -9.73 -30.47 -18.61
C ASP C 124 -9.85 -28.93 -18.78
N LYS C 125 -9.86 -28.46 -20.06
CA LYS C 125 -10.00 -27.04 -20.42
C LYS C 125 -11.36 -26.48 -20.01
N ASP C 126 -12.42 -27.31 -20.08
CA ASP C 126 -13.76 -26.86 -19.72
C ASP C 126 -13.80 -26.48 -18.25
N ILE C 127 -13.32 -27.38 -17.33
CA ILE C 127 -13.31 -27.17 -15.87
C ILE C 127 -12.47 -25.93 -15.51
N ARG C 128 -11.21 -25.86 -16.01
CA ARG C 128 -10.27 -24.75 -15.82
C ARG C 128 -10.99 -23.42 -16.05
N TYR C 129 -11.61 -23.26 -17.24
CA TYR C 129 -12.33 -22.05 -17.63
C TYR C 129 -13.50 -21.71 -16.69
N TYR C 130 -14.43 -22.66 -16.46
CA TYR C 130 -15.60 -22.42 -15.63
C TYR C 130 -15.26 -22.13 -14.17
N ILE C 131 -14.22 -22.80 -13.59
CA ILE C 131 -13.80 -22.54 -12.21
C ILE C 131 -13.22 -21.12 -12.11
N TYR C 132 -12.43 -20.72 -13.11
CA TYR C 132 -11.87 -19.37 -13.17
C TYR C 132 -12.99 -18.34 -13.09
N GLN C 133 -14.07 -18.56 -13.87
CA GLN C 133 -15.24 -17.68 -13.92
C GLN C 133 -15.96 -17.57 -12.58
N ILE C 134 -16.12 -18.69 -11.84
CA ILE C 134 -16.75 -18.67 -10.51
C ILE C 134 -15.86 -17.90 -9.54
N LEU C 135 -14.52 -18.03 -9.69
CA LEU C 135 -13.56 -17.30 -8.87
C LEU C 135 -13.66 -15.79 -9.13
N LYS C 136 -13.84 -15.37 -10.41
CA LYS C 136 -14.03 -13.97 -10.83
C LYS C 136 -15.31 -13.42 -10.18
N ALA C 137 -16.41 -14.22 -10.24
CA ALA C 137 -17.71 -13.91 -9.65
C ALA C 137 -17.54 -13.72 -8.16
N LEU C 138 -16.82 -14.68 -7.52
CA LEU C 138 -16.56 -14.66 -6.08
C LEU C 138 -15.69 -13.49 -5.65
N ASP C 139 -14.59 -13.18 -6.37
CA ASP C 139 -13.79 -12.02 -6.01
C ASP C 139 -14.66 -10.75 -6.12
N TYR C 140 -15.46 -10.61 -7.22
CA TYR C 140 -16.30 -9.42 -7.35
C TYR C 140 -17.23 -9.20 -6.17
N CYS C 141 -18.02 -10.20 -5.75
CA CYS C 141 -18.91 -9.96 -4.62
C CYS C 141 -18.15 -9.73 -3.31
N HIS C 142 -16.97 -10.36 -3.12
CA HIS C 142 -16.18 -10.15 -1.91
C HIS C 142 -15.67 -8.72 -1.90
N SER C 143 -15.24 -8.21 -3.09
CA SER C 143 -14.74 -6.85 -3.26
C SER C 143 -15.86 -5.84 -3.00
N GLN C 144 -17.13 -6.31 -3.10
CA GLN C 144 -18.32 -5.50 -2.87
C GLN C 144 -18.87 -5.74 -1.45
N GLY C 145 -18.08 -6.45 -0.63
CA GLY C 145 -18.41 -6.73 0.77
C GLY C 145 -19.61 -7.63 0.99
N ILE C 146 -19.78 -8.68 0.14
CA ILE C 146 -20.87 -9.66 0.21
C ILE C 146 -20.29 -11.05 0.18
N MET C 147 -20.82 -11.95 1.04
CA MET C 147 -20.51 -13.37 1.10
C MET C 147 -21.70 -14.03 0.39
N HIS C 148 -21.46 -14.97 -0.55
CA HIS C 148 -22.57 -15.67 -1.21
C HIS C 148 -23.25 -16.62 -0.22
N ARG C 149 -22.41 -17.31 0.61
CA ARG C 149 -22.77 -18.27 1.67
C ARG C 149 -23.50 -19.53 1.19
N ASP C 150 -23.59 -19.80 -0.13
CA ASP C 150 -24.28 -20.98 -0.63
C ASP C 150 -23.72 -21.41 -1.98
N VAL C 151 -22.39 -21.47 -2.09
CA VAL C 151 -21.76 -21.88 -3.34
C VAL C 151 -21.89 -23.42 -3.44
N LYS C 152 -22.51 -23.91 -4.54
CA LYS C 152 -22.72 -25.32 -4.82
C LYS C 152 -22.99 -25.49 -6.31
N PRO C 153 -22.78 -26.69 -6.93
CA PRO C 153 -23.02 -26.82 -8.39
C PRO C 153 -24.43 -26.43 -8.82
N HIS C 154 -25.36 -26.51 -7.87
CA HIS C 154 -26.79 -26.22 -8.01
C HIS C 154 -27.07 -24.74 -8.18
N ASN C 155 -26.13 -23.88 -7.72
CA ASN C 155 -26.26 -22.42 -7.81
C ASN C 155 -25.37 -21.84 -8.86
N ILE C 156 -24.89 -22.68 -9.78
CA ILE C 156 -24.07 -22.28 -10.92
C ILE C 156 -24.77 -22.69 -12.21
N MET C 157 -25.23 -21.69 -12.98
CA MET C 157 -25.92 -21.92 -14.27
C MET C 157 -24.92 -21.82 -15.40
N ILE C 158 -24.89 -22.85 -16.27
CA ILE C 158 -23.98 -22.92 -17.43
C ILE C 158 -24.74 -23.22 -18.73
N ASP C 159 -24.53 -22.36 -19.74
CA ASP C 159 -25.01 -22.52 -21.11
C ASP C 159 -23.74 -22.85 -21.90
N HIS C 160 -23.30 -24.13 -21.83
CA HIS C 160 -22.06 -24.60 -22.46
C HIS C 160 -21.89 -24.16 -23.91
N GLU C 161 -22.98 -24.21 -24.70
CA GLU C 161 -22.97 -23.83 -26.12
C GLU C 161 -22.56 -22.36 -26.35
N ASN C 162 -22.79 -21.51 -25.34
CA ASN C 162 -22.48 -20.10 -25.44
C ASN C 162 -21.39 -19.64 -24.46
N ARG C 163 -20.71 -20.60 -23.77
CA ARG C 163 -19.65 -20.38 -22.77
C ARG C 163 -20.07 -19.33 -21.70
N GLN C 164 -21.40 -19.29 -21.39
CA GLN C 164 -21.98 -18.36 -20.44
C GLN C 164 -22.26 -19.08 -19.15
N ILE C 165 -21.74 -18.50 -18.06
CA ILE C 165 -21.86 -19.05 -16.70
C ILE C 165 -22.33 -17.96 -15.74
N ARG C 166 -23.25 -18.31 -14.80
CA ARG C 166 -23.74 -17.37 -13.80
C ARG C 166 -23.86 -17.98 -12.42
N LEU C 167 -23.45 -17.22 -11.41
CA LEU C 167 -23.61 -17.59 -10.01
C LEU C 167 -24.99 -17.00 -9.61
N ILE C 168 -25.94 -17.90 -9.28
CA ILE C 168 -27.33 -17.53 -8.91
C ILE C 168 -27.59 -17.78 -7.42
N SER C 169 -28.86 -17.69 -7.00
CA SER C 169 -29.32 -17.90 -5.61
C SER C 169 -28.62 -17.00 -4.58
N TRP C 170 -28.93 -15.69 -4.65
CA TRP C 170 -28.37 -14.69 -3.74
C TRP C 170 -29.26 -14.45 -2.48
N GLY C 171 -30.15 -15.40 -2.22
CA GLY C 171 -31.10 -15.37 -1.10
C GLY C 171 -30.45 -15.48 0.25
N LEU C 172 -29.35 -16.29 0.34
CA LEU C 172 -28.59 -16.49 1.58
C LEU C 172 -27.41 -15.57 1.68
N ALA C 173 -27.08 -14.86 0.59
CA ALA C 173 -26.00 -13.85 0.54
C ALA C 173 -26.26 -12.78 1.59
N GLU C 174 -25.17 -12.32 2.23
CA GLU C 174 -25.20 -11.35 3.30
C GLU C 174 -24.00 -10.40 3.23
N PHE C 175 -24.14 -9.18 3.81
CA PHE C 175 -23.07 -8.18 3.87
C PHE C 175 -22.02 -8.46 4.98
N TYR C 176 -20.73 -8.51 4.61
CA TYR C 176 -19.68 -8.73 5.60
C TYR C 176 -19.32 -7.47 6.41
N HIS C 177 -19.36 -7.64 7.75
CA HIS C 177 -19.02 -6.62 8.71
C HIS C 177 -18.05 -7.22 9.71
N PRO C 178 -16.81 -6.69 9.87
CA PRO C 178 -15.91 -7.26 10.88
C PRO C 178 -16.52 -7.22 12.29
N GLY C 179 -16.44 -8.36 12.99
CA GLY C 179 -16.96 -8.52 14.33
C GLY C 179 -18.41 -8.98 14.41
N GLN C 180 -19.08 -9.03 13.26
CA GLN C 180 -20.47 -9.47 13.22
C GLN C 180 -20.53 -11.00 13.29
N GLU C 181 -21.49 -11.49 14.09
CA GLU C 181 -21.79 -12.89 14.26
C GLU C 181 -22.89 -13.20 13.25
N TYR C 182 -22.70 -14.26 12.45
CA TYR C 182 -23.63 -14.67 11.39
C TYR C 182 -24.31 -16.00 11.63
N ASN C 183 -25.47 -16.22 10.98
CA ASN C 183 -26.17 -17.50 11.11
C ASN C 183 -25.35 -18.62 10.50
N VAL C 184 -24.97 -19.57 11.34
CA VAL C 184 -24.13 -20.69 10.96
C VAL C 184 -24.93 -21.74 10.12
N ARG C 185 -26.28 -21.67 10.12
CA ARG C 185 -27.16 -22.57 9.38
C ARG C 185 -27.47 -22.05 7.94
N VAL C 186 -26.48 -22.02 7.02
CA VAL C 186 -26.78 -21.45 5.69
C VAL C 186 -26.68 -22.46 4.51
N ALA C 187 -25.45 -22.77 4.03
CA ALA C 187 -25.12 -23.62 2.91
C ALA C 187 -25.60 -25.09 3.03
N SER C 188 -25.45 -25.87 1.92
CA SER C 188 -25.76 -27.32 1.88
C SER C 188 -24.78 -27.97 2.82
N ARG C 189 -25.24 -28.96 3.60
CA ARG C 189 -24.42 -29.72 4.55
C ARG C 189 -23.12 -30.13 3.88
N TYR C 190 -23.20 -30.64 2.64
CA TYR C 190 -22.04 -31.11 1.89
C TYR C 190 -21.03 -30.02 1.51
N TYR C 191 -21.47 -28.74 1.45
CA TYR C 191 -20.63 -27.60 1.10
C TYR C 191 -20.38 -26.64 2.29
N LYS C 192 -20.82 -27.03 3.51
CA LYS C 192 -20.64 -26.25 4.76
C LYS C 192 -19.20 -26.38 5.21
N GLY C 193 -18.54 -25.24 5.41
CA GLY C 193 -17.17 -25.19 5.91
C GLY C 193 -17.09 -25.60 7.36
N PRO C 194 -15.91 -26.06 7.86
CA PRO C 194 -15.78 -26.45 9.27
C PRO C 194 -16.27 -25.39 10.28
N GLU C 195 -16.05 -24.10 9.98
CA GLU C 195 -16.51 -22.98 10.82
C GLU C 195 -18.02 -23.05 11.10
N LEU C 196 -18.80 -23.49 10.10
CA LEU C 196 -20.25 -23.63 10.26
C LEU C 196 -20.56 -24.87 11.11
N LEU C 197 -19.77 -25.94 10.95
CA LEU C 197 -19.98 -27.19 11.69
C LEU C 197 -19.57 -27.09 13.17
N ILE C 198 -18.47 -26.38 13.50
CA ILE C 198 -17.96 -26.21 14.87
C ILE C 198 -18.58 -24.99 15.60
N ASP C 199 -19.63 -24.37 15.00
CA ASP C 199 -20.39 -23.23 15.51
C ASP C 199 -19.55 -21.93 15.73
N LEU C 200 -18.59 -21.67 14.81
CA LEU C 200 -17.78 -20.44 14.82
C LEU C 200 -18.59 -19.39 14.01
N GLN C 201 -19.36 -18.56 14.73
CA GLN C 201 -20.22 -17.53 14.14
C GLN C 201 -19.47 -16.38 13.46
N LEU C 202 -18.23 -16.10 13.88
CA LEU C 202 -17.40 -15.02 13.33
C LEU C 202 -16.67 -15.45 12.05
N TYR C 203 -17.45 -15.86 11.05
CA TYR C 203 -16.90 -16.27 9.78
C TYR C 203 -16.92 -15.11 8.77
N ASP C 204 -16.29 -15.31 7.59
CA ASP C 204 -16.18 -14.29 6.54
C ASP C 204 -16.27 -14.87 5.13
N TYR C 205 -15.82 -14.11 4.11
CA TYR C 205 -15.81 -14.52 2.71
C TYR C 205 -15.09 -15.86 2.44
N SER C 206 -14.20 -16.28 3.35
CA SER C 206 -13.41 -17.52 3.28
C SER C 206 -14.29 -18.75 3.16
N LEU C 207 -15.54 -18.63 3.63
CA LEU C 207 -16.55 -19.68 3.60
C LEU C 207 -16.85 -20.13 2.16
N ASP C 208 -16.89 -19.17 1.23
CA ASP C 208 -17.16 -19.41 -0.19
C ASP C 208 -16.04 -20.22 -0.86
N ILE C 209 -14.77 -20.06 -0.41
CA ILE C 209 -13.62 -20.81 -0.94
C ILE C 209 -13.67 -22.28 -0.48
N TRP C 210 -14.21 -22.55 0.72
CA TRP C 210 -14.36 -23.92 1.18
C TRP C 210 -15.37 -24.62 0.28
N SER C 211 -16.56 -24.01 0.09
CA SER C 211 -17.64 -24.50 -0.76
C SER C 211 -17.17 -24.73 -2.19
N LEU C 212 -16.42 -23.77 -2.77
CA LEU C 212 -15.86 -23.92 -4.12
C LEU C 212 -14.81 -25.05 -4.18
N GLY C 213 -14.08 -25.24 -3.08
CA GLY C 213 -13.10 -26.31 -2.93
C GLY C 213 -13.77 -27.66 -3.00
N CYS C 214 -14.91 -27.81 -2.28
CA CYS C 214 -15.75 -28.99 -2.26
C CYS C 214 -16.28 -29.28 -3.65
N MET C 215 -16.67 -28.21 -4.39
CA MET C 215 -17.17 -28.32 -5.74
C MET C 215 -16.06 -28.79 -6.69
N LEU C 216 -14.91 -28.10 -6.68
CA LEU C 216 -13.76 -28.44 -7.51
C LEU C 216 -13.26 -29.86 -7.24
N ALA C 217 -13.22 -30.29 -5.95
CA ALA C 217 -12.79 -31.64 -5.57
C ALA C 217 -13.73 -32.68 -6.18
N GLY C 218 -15.04 -32.43 -6.05
CA GLY C 218 -16.10 -33.28 -6.59
C GLY C 218 -16.06 -33.41 -8.09
N MET C 219 -15.78 -32.30 -8.79
CA MET C 219 -15.66 -32.25 -10.25
C MET C 219 -14.45 -33.04 -10.77
N ILE C 220 -13.24 -32.74 -10.23
CA ILE C 220 -12.02 -33.35 -10.75
C ILE C 220 -11.83 -34.80 -10.22
N PHE C 221 -12.30 -35.12 -8.99
CA PHE C 221 -12.17 -36.47 -8.46
C PHE C 221 -13.37 -37.33 -8.85
N LYS C 222 -14.38 -36.71 -9.56
CA LYS C 222 -15.63 -37.33 -10.04
C LYS C 222 -16.39 -38.02 -8.86
N LYS C 223 -16.53 -37.30 -7.74
CA LYS C 223 -17.21 -37.73 -6.52
C LYS C 223 -18.01 -36.54 -5.94
N GLU C 224 -19.28 -36.37 -6.37
CA GLU C 224 -20.14 -35.29 -5.86
C GLU C 224 -21.38 -35.89 -5.15
N PRO C 225 -21.72 -35.47 -3.90
CA PRO C 225 -20.98 -34.57 -3.01
C PRO C 225 -19.67 -35.21 -2.56
N PHE C 226 -18.60 -34.38 -2.47
CA PHE C 226 -17.27 -34.88 -2.09
C PHE C 226 -17.28 -35.37 -0.65
N PHE C 227 -17.70 -34.51 0.31
CA PHE C 227 -17.81 -34.92 1.72
C PHE C 227 -19.30 -35.17 1.99
N CYS C 228 -19.69 -36.46 2.09
CA CYS C 228 -21.10 -36.89 2.20
C CYS C 228 -21.51 -37.39 3.60
N GLY C 229 -21.78 -36.44 4.49
CA GLY C 229 -22.18 -36.75 5.86
C GLY C 229 -23.65 -37.05 6.04
N HIS C 230 -23.97 -37.92 6.99
CA HIS C 230 -25.33 -38.31 7.33
C HIS C 230 -26.06 -37.27 8.20
N ASP C 231 -25.29 -36.42 8.91
CA ASP C 231 -25.80 -35.34 9.77
C ASP C 231 -24.76 -34.25 9.87
N ASN C 232 -25.04 -33.15 10.59
CA ASN C 232 -24.07 -32.07 10.71
C ASN C 232 -22.81 -32.48 11.47
N TYR C 233 -22.95 -33.32 12.47
CA TYR C 233 -21.85 -33.86 13.25
C TYR C 233 -21.00 -34.82 12.41
N ASP C 234 -21.64 -35.72 11.64
CA ASP C 234 -20.95 -36.68 10.78
C ASP C 234 -20.30 -36.01 9.58
N GLN C 235 -20.80 -34.84 9.14
CA GLN C 235 -20.20 -34.10 8.05
C GLN C 235 -18.75 -33.68 8.43
N LEU C 236 -18.50 -33.24 9.69
CA LEU C 236 -17.14 -32.89 10.17
C LEU C 236 -16.24 -34.13 10.20
N VAL C 237 -16.82 -35.30 10.53
CA VAL C 237 -16.11 -36.58 10.55
C VAL C 237 -15.70 -36.97 9.12
N LYS C 238 -16.62 -36.84 8.15
CA LYS C 238 -16.30 -37.09 6.73
C LYS C 238 -15.12 -36.19 6.27
N ILE C 239 -15.07 -34.90 6.75
CA ILE C 239 -14.00 -33.95 6.46
C ILE C 239 -12.69 -34.41 7.13
N ALA C 240 -12.74 -34.68 8.46
CA ALA C 240 -11.59 -35.11 9.28
C ALA C 240 -10.98 -36.42 8.82
N LYS C 241 -11.80 -37.33 8.27
CA LYS C 241 -11.33 -38.60 7.74
C LYS C 241 -10.48 -38.39 6.47
N VAL C 242 -10.47 -37.17 5.91
CA VAL C 242 -9.65 -36.78 4.76
C VAL C 242 -8.50 -35.86 5.21
N LEU C 243 -8.80 -34.69 5.85
CA LEU C 243 -7.81 -33.70 6.28
C LEU C 243 -7.01 -34.05 7.58
N GLY C 244 -7.40 -35.12 8.27
CA GLY C 244 -6.78 -35.54 9.52
C GLY C 244 -7.23 -34.73 10.71
N THR C 245 -7.25 -35.37 11.90
CA THR C 245 -7.64 -34.73 13.16
C THR C 245 -6.54 -33.83 13.79
N GLU C 246 -5.25 -33.97 13.38
CA GLU C 246 -4.15 -33.17 13.94
C GLU C 246 -4.33 -31.68 13.64
N ASP C 247 -4.64 -31.35 12.37
CA ASP C 247 -4.86 -29.96 11.94
C ASP C 247 -6.20 -29.42 12.47
N LEU C 248 -7.14 -30.32 12.82
CA LEU C 248 -8.46 -29.93 13.35
C LEU C 248 -8.31 -29.48 14.78
N HIS C 249 -7.57 -30.26 15.58
CA HIS C 249 -7.34 -29.96 16.99
C HIS C 249 -6.57 -28.67 17.13
N ALA C 250 -5.57 -28.46 16.24
CA ALA C 250 -4.76 -27.24 16.14
C ALA C 250 -5.65 -26.02 15.83
N TYR C 251 -6.65 -26.20 14.94
CA TYR C 251 -7.61 -25.17 14.56
C TYR C 251 -8.43 -24.76 15.76
N LEU C 252 -9.05 -25.75 16.44
CA LEU C 252 -9.92 -25.53 17.59
C LEU C 252 -9.16 -24.84 18.71
N LYS C 253 -7.90 -25.27 18.98
CA LYS C 253 -7.02 -24.67 20.00
C LYS C 253 -6.70 -23.19 19.67
N LYS C 254 -6.49 -22.83 18.37
CA LYS C 254 -6.21 -21.47 17.89
C LYS C 254 -7.38 -20.50 18.16
N TYR C 255 -8.58 -20.83 17.68
CA TYR C 255 -9.76 -19.99 17.84
C TYR C 255 -10.49 -20.24 19.18
N ASN C 256 -9.87 -21.06 20.06
CA ASN C 256 -10.39 -21.51 21.35
C ASN C 256 -11.88 -21.87 21.27
N ILE C 257 -12.15 -22.93 20.50
CA ILE C 257 -13.48 -23.48 20.26
C ILE C 257 -13.50 -24.86 20.90
N LYS C 258 -14.50 -25.07 21.77
CA LYS C 258 -14.70 -26.34 22.46
C LYS C 258 -15.86 -27.07 21.81
N LEU C 259 -15.56 -28.27 21.28
CA LEU C 259 -16.52 -29.12 20.61
C LEU C 259 -17.58 -29.65 21.57
N LYS C 260 -18.84 -29.63 21.08
CA LYS C 260 -20.07 -30.11 21.71
C LYS C 260 -19.82 -31.53 22.27
N PRO C 261 -20.46 -31.97 23.38
CA PRO C 261 -20.13 -33.32 23.88
C PRO C 261 -20.24 -34.43 22.83
N HIS C 262 -21.33 -34.39 22.01
CA HIS C 262 -21.58 -35.35 20.93
C HIS C 262 -20.42 -35.49 19.96
N TYR C 263 -19.81 -34.36 19.54
CA TYR C 263 -18.65 -34.34 18.64
C TYR C 263 -17.50 -35.23 19.09
N LEU C 264 -17.14 -35.17 20.39
CA LEU C 264 -16.06 -36.01 20.94
C LEU C 264 -16.43 -37.50 20.96
N ASN C 265 -17.72 -37.82 21.10
CA ASN C 265 -18.21 -39.19 21.09
C ASN C 265 -18.17 -39.83 19.69
N ILE C 266 -18.14 -39.03 18.61
CA ILE C 266 -18.14 -39.53 17.21
C ILE C 266 -16.83 -39.28 16.44
N LEU C 267 -16.10 -38.24 16.84
CA LEU C 267 -14.84 -37.86 16.20
C LEU C 267 -13.68 -38.70 16.74
N GLY C 268 -13.11 -39.50 15.85
CA GLY C 268 -11.99 -40.35 16.19
C GLY C 268 -10.68 -39.62 15.97
N GLU C 269 -9.60 -40.38 15.81
CA GLU C 269 -8.28 -39.83 15.60
C GLU C 269 -7.85 -40.33 14.22
N TYR C 270 -7.89 -39.42 13.21
CA TYR C 270 -7.60 -39.77 11.83
C TYR C 270 -6.33 -39.16 11.29
N GLU C 271 -5.64 -39.93 10.44
CA GLU C 271 -4.45 -39.49 9.73
C GLU C 271 -4.93 -38.83 8.43
N ARG C 272 -4.20 -37.80 7.96
CA ARG C 272 -4.56 -37.10 6.73
C ARG C 272 -4.43 -38.04 5.55
N LYS C 273 -5.50 -38.17 4.77
CA LYS C 273 -5.51 -38.95 3.53
C LYS C 273 -4.88 -38.07 2.43
N PRO C 274 -3.81 -38.54 1.76
CA PRO C 274 -3.24 -37.76 0.65
C PRO C 274 -4.25 -37.69 -0.52
N TRP C 275 -4.24 -36.56 -1.27
CA TRP C 275 -5.16 -36.37 -2.39
C TRP C 275 -5.02 -37.44 -3.46
N SER C 276 -3.87 -38.12 -3.53
CA SER C 276 -3.63 -39.20 -4.49
C SER C 276 -4.53 -40.40 -4.24
N HIS C 277 -5.00 -40.59 -3.00
CA HIS C 277 -5.90 -41.67 -2.58
C HIS C 277 -7.24 -41.61 -3.37
N PHE C 278 -7.64 -40.42 -3.83
CA PHE C 278 -8.89 -40.20 -4.55
C PHE C 278 -8.82 -40.41 -6.06
N LEU C 279 -7.62 -40.65 -6.60
CA LEU C 279 -7.43 -40.91 -8.03
C LEU C 279 -7.98 -42.28 -8.39
N THR C 280 -8.55 -42.38 -9.59
CA THR C 280 -9.17 -43.56 -10.17
C THR C 280 -8.81 -43.61 -11.67
N GLN C 281 -9.20 -44.67 -12.36
CA GLN C 281 -8.95 -44.80 -13.79
C GLN C 281 -9.75 -43.73 -14.53
N SER C 282 -10.99 -43.52 -14.09
CA SER C 282 -11.93 -42.57 -14.66
C SER C 282 -11.58 -41.09 -14.45
N ASN C 283 -10.72 -40.74 -13.46
CA ASN C 283 -10.46 -39.33 -13.16
C ASN C 283 -8.99 -38.84 -13.26
N ILE C 284 -7.96 -39.74 -13.41
CA ILE C 284 -6.56 -39.26 -13.51
C ILE C 284 -6.34 -38.24 -14.65
N ASP C 285 -7.01 -38.40 -15.81
CA ASP C 285 -6.91 -37.50 -16.96
C ASP C 285 -7.20 -36.03 -16.66
N ILE C 286 -8.07 -35.72 -15.67
CA ILE C 286 -8.37 -34.33 -15.26
C ILE C 286 -7.75 -34.00 -13.89
N ALA C 287 -7.62 -35.01 -13.00
CA ALA C 287 -7.06 -34.89 -11.65
C ALA C 287 -5.52 -34.76 -11.67
N LYS C 288 -5.02 -33.76 -12.41
CA LYS C 288 -3.59 -33.49 -12.55
C LYS C 288 -3.03 -32.76 -11.33
N ASP C 289 -1.69 -32.71 -11.22
CA ASP C 289 -0.99 -32.14 -10.07
C ASP C 289 -1.29 -30.63 -9.81
N GLU C 290 -1.46 -29.80 -10.86
CA GLU C 290 -1.79 -28.35 -10.70
C GLU C 290 -3.11 -28.14 -9.94
N VAL C 291 -4.21 -28.81 -10.37
CA VAL C 291 -5.54 -28.70 -9.73
C VAL C 291 -5.53 -29.25 -8.28
N ILE C 292 -4.80 -30.36 -8.02
CA ILE C 292 -4.70 -30.97 -6.69
C ILE C 292 -4.05 -30.00 -5.71
N ASP C 293 -3.01 -29.26 -6.18
CA ASP C 293 -2.38 -28.20 -5.38
C ASP C 293 -3.41 -27.12 -5.07
N LEU C 294 -4.20 -26.69 -6.07
CA LEU C 294 -5.25 -25.68 -5.90
C LEU C 294 -6.27 -26.12 -4.86
N ILE C 295 -6.76 -27.38 -4.92
CA ILE C 295 -7.71 -27.97 -3.96
C ILE C 295 -7.11 -27.95 -2.54
N ASP C 296 -5.82 -28.34 -2.42
CA ASP C 296 -5.07 -28.41 -1.16
C ASP C 296 -4.99 -27.05 -0.47
N LYS C 297 -4.96 -25.96 -1.25
CA LYS C 297 -4.87 -24.58 -0.78
C LYS C 297 -6.26 -24.01 -0.37
N MET C 298 -7.36 -24.67 -0.82
CA MET C 298 -8.75 -24.27 -0.52
C MET C 298 -9.33 -25.07 0.62
N LEU C 299 -9.28 -26.41 0.54
CA LEU C 299 -9.81 -27.28 1.62
C LEU C 299 -8.80 -27.38 2.79
N ILE C 300 -8.84 -26.37 3.67
CA ILE C 300 -8.02 -26.14 4.86
C ILE C 300 -9.02 -25.77 5.96
N TYR C 301 -8.89 -26.36 7.17
CA TYR C 301 -9.81 -26.05 8.27
C TYR C 301 -9.77 -24.55 8.59
N ASP C 302 -8.55 -24.01 8.81
CA ASP C 302 -8.38 -22.61 9.15
C ASP C 302 -8.81 -21.70 8.00
N HIS C 303 -9.97 -21.07 8.18
CA HIS C 303 -10.53 -20.16 7.19
C HIS C 303 -9.56 -19.04 6.82
N ALA C 304 -8.81 -18.54 7.80
CA ALA C 304 -7.77 -17.50 7.63
C ALA C 304 -6.57 -17.96 6.80
N LYS C 305 -6.38 -19.27 6.64
CA LYS C 305 -5.27 -19.87 5.92
C LYS C 305 -5.60 -20.29 4.47
N ARG C 306 -6.89 -20.22 4.06
CA ARG C 306 -7.39 -20.58 2.72
C ARG C 306 -7.02 -19.52 1.67
N ILE C 307 -6.83 -19.92 0.39
CA ILE C 307 -6.50 -18.96 -0.68
C ILE C 307 -7.71 -18.15 -1.06
N ALA C 308 -7.48 -16.85 -1.27
CA ALA C 308 -8.51 -15.92 -1.69
C ALA C 308 -8.77 -16.10 -3.17
N PRO C 309 -10.00 -15.87 -3.67
CA PRO C 309 -10.25 -16.01 -5.12
C PRO C 309 -9.28 -15.21 -5.98
N LYS C 310 -8.92 -14.00 -5.51
CA LYS C 310 -7.95 -13.06 -6.10
C LYS C 310 -6.64 -13.83 -6.38
N GLU C 311 -6.12 -14.59 -5.37
CA GLU C 311 -4.89 -15.41 -5.39
C GLU C 311 -5.03 -16.68 -6.20
N ALA C 312 -6.17 -17.38 -6.06
CA ALA C 312 -6.48 -18.63 -6.76
C ALA C 312 -6.44 -18.42 -8.27
N MET C 313 -6.93 -17.25 -8.75
CA MET C 313 -6.96 -16.87 -10.16
C MET C 313 -5.58 -16.72 -10.74
N GLU C 314 -4.60 -16.40 -9.87
CA GLU C 314 -3.21 -16.23 -10.26
C GLU C 314 -2.46 -17.54 -10.36
N HIS C 315 -3.01 -18.64 -9.78
CA HIS C 315 -2.47 -20.00 -9.73
C HIS C 315 -2.07 -20.51 -11.10
N PRO C 316 -0.97 -21.28 -11.23
CA PRO C 316 -0.56 -21.79 -12.56
C PRO C 316 -1.59 -22.65 -13.30
N TYR C 317 -2.61 -23.20 -12.58
CA TYR C 317 -3.74 -24.00 -13.10
C TYR C 317 -4.48 -23.24 -14.20
N PHE C 318 -4.57 -21.90 -14.06
CA PHE C 318 -5.26 -21.04 -15.02
C PHE C 318 -4.31 -20.29 -15.99
N ARG C 319 -4.35 -20.61 -17.29
CA ARG C 319 -3.55 -19.86 -18.25
C ARG C 319 -4.40 -19.37 -19.46
N GLU C 320 -5.08 -18.22 -19.13
CA GLU C 320 -5.87 -17.26 -19.89
C GLU C 320 -5.10 -15.93 -19.65
N VAL C 321 -4.50 -15.23 -20.66
CA VAL C 321 -4.59 -15.39 -22.12
C VAL C 321 -6.04 -14.98 -22.58
N ARG C 322 -6.31 -13.66 -22.33
CA ARG C 322 -7.53 -12.90 -22.59
C ARG C 322 -8.72 -13.46 -21.83
#